data_4RMN
#
_entry.id   4RMN
#
_cell.length_a   58.644
_cell.length_b   94.609
_cell.length_c   95.701
_cell.angle_alpha   90.00
_cell.angle_beta   104.92
_cell.angle_gamma   90.00
#
_symmetry.space_group_name_H-M   'P 1 21 1'
#
loop_
_entity.id
_entity.type
_entity.pdbx_description
1 polymer 'Benzoate-coenzyme A ligase'
2 non-polymer 'THIOPHENE-2-CARBOXYLIC ACID'
3 non-polymer GLYCEROL
4 water water
#
_entity_poly.entity_id   1
_entity_poly.type   'polypeptide(L)'
_entity_poly.pdbx_seq_one_letter_code
;MNAAAVTPPPEKFNFAEHLLQTNRVRPDKTAFVDDISSLSFAQLEAQTRQLAAALRAIGVKREERVLLLMLDGTDWPVAF
LGAIYAGIVPVAVNTLLTADDYAYMLEHSRAQAVLVSGALHPVLKAALTKSDHEVQRVIVSRPAAPLEPGEVDFAEFVGA
HAPLEKPAATQADDPAFWLYSSGSTGRPKGVVHTHANPYWTSELYGRNTLHLREDDVCFSAAKLFFAYGLGNALTFPMTV
GATTLLMGERPTPDAVFKRWLGGVGGVKPTVFYGAPTGYAGMLAAPNLPSRDQVALRLASSAGEALPAEIGQRFQRHFGL
DIVDGIGSTEMLHIFLSNLPDRVRYGTTGWPVPGYQIELRGDGGGPVADGEPGDLYIHGPSSATMYWGNRAKSRDTFQGG
WTKSGDKYVRNDDGSYTYAGRTDDMLKVSGIYVSPFEIEATLVQHPGVLEAAVVGVADEHGLTKPKAYVVPRPGQTLSET
ELKTFIKDRLAPYKYPRSTVFVAELPKTATGKIQRFKLREGVLG
;
_entity_poly.pdbx_strand_id   A,B
#
loop_
_chem_comp.id
_chem_comp.type
_chem_comp.name
_chem_comp.formula
C21 non-polymer 'THIOPHENE-2-CARBOXYLIC ACID' 'C5 H4 O2 S'
GOL non-polymer GLYCEROL 'C3 H8 O3'
#
# COMPACT_ATOMS: atom_id res chain seq x y z
N VAL A 6 17.18 -5.41 0.48
CA VAL A 6 17.21 -6.57 1.42
C VAL A 6 18.62 -7.05 1.60
N THR A 7 19.04 -7.24 2.83
CA THR A 7 20.43 -7.69 3.03
C THR A 7 20.49 -9.22 2.85
N PRO A 8 21.50 -9.72 2.15
CA PRO A 8 21.57 -11.18 1.97
C PRO A 8 21.69 -11.89 3.28
N PRO A 9 21.29 -13.16 3.35
CA PRO A 9 21.47 -13.89 4.56
C PRO A 9 22.98 -14.20 4.72
N PRO A 10 23.46 -14.39 5.95
CA PRO A 10 24.88 -14.75 6.17
C PRO A 10 25.19 -16.09 5.53
N GLU A 11 26.47 -16.34 5.28
CA GLU A 11 26.82 -17.63 4.68
C GLU A 11 26.64 -18.79 5.57
N LYS A 12 26.78 -18.59 6.87
CA LYS A 12 26.43 -19.63 7.80
C LYS A 12 25.00 -19.29 8.28
N PHE A 13 24.05 -20.11 7.87
CA PHE A 13 22.60 -19.78 8.02
C PHE A 13 21.79 -21.07 8.07
N ASN A 14 20.97 -21.17 9.11
CA ASN A 14 20.02 -22.24 9.29
C ASN A 14 18.65 -21.56 9.32
N PHE A 15 17.77 -21.88 8.37
CA PHE A 15 16.53 -21.14 8.18
C PHE A 15 15.63 -21.27 9.39
N ALA A 16 15.55 -22.46 9.95
CA ALA A 16 14.75 -22.72 11.14
C ALA A 16 15.26 -21.85 12.33
N GLU A 17 16.56 -21.86 12.57
CA GLU A 17 17.08 -21.01 13.66
C GLU A 17 16.77 -19.57 13.40
N HIS A 18 16.83 -19.15 12.14
CA HIS A 18 16.50 -17.77 11.77
C HIS A 18 15.08 -17.42 12.21
N LEU A 19 14.11 -18.27 11.86
CA LEU A 19 12.73 -17.97 12.22
C LEU A 19 12.50 -18.06 13.72
N LEU A 20 13.18 -18.97 14.41
CA LEU A 20 13.04 -19.03 15.87
C LEU A 20 13.61 -17.76 16.51
N GLN A 21 14.78 -17.34 16.06
CA GLN A 21 15.43 -16.17 16.61
C GLN A 21 14.61 -14.89 16.41
N THR A 22 14.07 -14.74 15.24
CA THR A 22 13.20 -13.61 14.92
C THR A 22 12.07 -13.39 15.97
N ASN A 23 11.55 -14.49 16.49
CA ASN A 23 10.41 -14.48 17.40
C ASN A 23 10.66 -14.65 18.87
N ARG A 24 11.92 -14.60 19.26
CA ARG A 24 12.29 -14.61 20.69
C ARG A 24 11.84 -13.33 21.38
N VAL A 25 11.58 -12.28 20.63
CA VAL A 25 10.98 -11.06 21.18
C VAL A 25 9.50 -11.22 21.54
N ARG A 26 8.82 -12.27 21.01
CA ARG A 26 7.39 -12.43 21.25
C ARG A 26 7.00 -13.83 21.68
N PRO A 27 7.60 -14.31 22.78
CA PRO A 27 7.44 -15.69 23.15
C PRO A 27 6.00 -16.09 23.40
N ASP A 28 5.17 -15.16 23.89
CA ASP A 28 3.79 -15.54 24.27
C ASP A 28 2.74 -15.16 23.26
N LYS A 29 3.12 -14.64 22.13
CA LYS A 29 2.16 -14.43 21.07
C LYS A 29 1.84 -15.80 20.47
N THR A 30 0.61 -15.98 20.03
CA THR A 30 0.24 -17.16 19.29
C THR A 30 0.96 -17.22 17.92
N ALA A 31 1.70 -18.31 17.69
CA ALA A 31 2.32 -18.55 16.39
C ALA A 31 1.34 -19.25 15.42
N PHE A 32 0.75 -20.35 15.90
CA PHE A 32 -0.17 -21.17 15.08
C PHE A 32 -1.35 -21.65 15.88
N VAL A 33 -2.51 -21.65 15.28
CA VAL A 33 -3.71 -22.16 15.88
C VAL A 33 -4.54 -22.92 14.85
N ASP A 34 -5.07 -24.07 15.25
CA ASP A 34 -5.94 -24.87 14.41
C ASP A 34 -7.24 -25.21 15.20
N ASP A 35 -8.03 -26.16 14.72
CA ASP A 35 -9.36 -26.40 15.37
C ASP A 35 -9.19 -26.90 16.79
N ILE A 36 -8.08 -27.53 17.11
CA ILE A 36 -7.95 -28.17 18.41
C ILE A 36 -6.76 -27.80 19.26
N SER A 37 -5.87 -26.93 18.79
CA SER A 37 -4.64 -26.73 19.49
C SER A 37 -4.10 -25.35 19.12
N SER A 38 -3.15 -24.88 19.90
CA SER A 38 -2.44 -23.63 19.63
C SER A 38 -1.00 -23.71 20.10
N LEU A 39 -0.11 -23.03 19.38
CA LEU A 39 1.28 -22.91 19.85
C LEU A 39 1.63 -21.46 19.93
N SER A 40 2.15 -20.99 21.07
CA SER A 40 2.79 -19.71 21.13
C SER A 40 4.17 -19.81 20.46
N PHE A 41 4.79 -18.68 20.13
CA PHE A 41 6.13 -18.77 19.54
C PHE A 41 7.14 -19.55 20.47
N ALA A 42 6.99 -19.41 21.80
CA ALA A 42 7.86 -20.16 22.74
C ALA A 42 7.55 -21.67 22.70
N GLN A 43 6.27 -22.02 22.64
CA GLN A 43 5.84 -23.43 22.53
C GLN A 43 6.32 -24.06 21.23
N LEU A 44 6.29 -23.27 20.14
CA LEU A 44 6.71 -23.77 18.85
C LEU A 44 8.20 -24.02 18.91
N GLU A 45 8.92 -23.05 19.47
CA GLU A 45 10.36 -23.22 19.60
C GLU A 45 10.72 -24.47 20.39
N ALA A 46 10.05 -24.66 21.53
CA ALA A 46 10.35 -25.84 22.34
C ALA A 46 10.10 -27.13 21.52
N GLN A 47 8.92 -27.22 20.93
CA GLN A 47 8.56 -28.45 20.29
C GLN A 47 9.41 -28.69 19.05
N THR A 48 9.69 -27.62 18.31
CA THR A 48 10.61 -27.66 17.14
C THR A 48 11.97 -28.31 17.47
N ARG A 49 12.59 -27.82 18.52
CA ARG A 49 13.88 -28.31 18.95
C ARG A 49 13.86 -29.71 19.59
N GLN A 50 12.78 -30.07 20.28
CA GLN A 50 12.59 -31.44 20.79
C GLN A 50 12.42 -32.42 19.64
N LEU A 51 11.63 -32.03 18.64
N LEU A 51 11.63 -32.04 18.64
CA LEU A 51 11.52 -32.86 17.42
CA LEU A 51 11.51 -32.90 17.43
C LEU A 51 12.87 -33.05 16.76
C LEU A 51 12.86 -33.05 16.74
N ALA A 52 13.63 -31.98 16.59
CA ALA A 52 14.96 -32.03 16.01
C ALA A 52 15.84 -33.08 16.77
N ALA A 53 15.77 -33.03 18.11
CA ALA A 53 16.49 -34.00 18.93
C ALA A 53 16.02 -35.41 18.72
N ALA A 54 14.72 -35.57 18.60
CA ALA A 54 14.09 -36.85 18.45
C ALA A 54 14.54 -37.51 17.11
N LEU A 55 14.59 -36.73 16.04
CA LEU A 55 15.01 -37.30 14.74
C LEU A 55 16.46 -37.73 14.84
N ARG A 56 17.26 -36.95 15.49
CA ARG A 56 18.68 -37.28 15.62
C ARG A 56 18.85 -38.53 16.45
N ALA A 57 18.01 -38.71 17.46
CA ALA A 57 18.14 -39.82 18.44
C ALA A 57 17.80 -41.13 17.78
N ILE A 58 16.89 -41.11 16.82
CA ILE A 58 16.65 -42.32 16.07
C ILE A 58 17.65 -42.55 14.91
N GLY A 59 18.72 -41.76 14.80
CA GLY A 59 19.76 -42.03 13.82
C GLY A 59 19.69 -41.32 12.49
N VAL A 60 18.76 -40.37 12.34
CA VAL A 60 18.74 -39.61 11.10
C VAL A 60 19.85 -38.59 11.16
N LYS A 61 20.60 -38.51 10.08
CA LYS A 61 21.79 -37.72 10.01
C LYS A 61 21.57 -36.45 9.20
N ARG A 62 22.48 -35.50 9.42
CA ARG A 62 22.50 -34.33 8.59
C ARG A 62 22.48 -34.71 7.09
N GLU A 63 21.68 -33.96 6.34
CA GLU A 63 21.47 -34.02 4.88
C GLU A 63 20.56 -35.18 4.45
N GLU A 64 20.22 -36.10 5.37
CA GLU A 64 19.27 -37.16 5.03
C GLU A 64 17.87 -36.56 4.94
N ARG A 65 17.03 -37.20 4.18
CA ARG A 65 15.64 -36.73 4.03
C ARG A 65 14.67 -37.44 4.96
N VAL A 66 13.56 -36.76 5.27
CA VAL A 66 12.42 -37.37 5.88
C VAL A 66 11.19 -36.93 5.06
N LEU A 67 10.19 -37.81 4.98
CA LEU A 67 8.93 -37.47 4.32
C LEU A 67 7.96 -36.83 5.28
N LEU A 68 7.45 -35.68 4.91
CA LEU A 68 6.49 -34.96 5.75
C LEU A 68 5.14 -34.95 4.95
N LEU A 69 4.22 -35.81 5.40
CA LEU A 69 2.96 -36.09 4.75
C LEU A 69 1.83 -35.81 5.78
N MET A 70 1.48 -34.55 5.92
CA MET A 70 0.66 -34.11 7.04
C MET A 70 -0.36 -33.08 6.61
N LEU A 71 -1.56 -33.20 7.14
CA LEU A 71 -2.56 -32.13 7.02
C LEU A 71 -2.11 -30.85 7.71
N ASP A 72 -2.62 -29.73 7.27
CA ASP A 72 -2.38 -28.46 7.93
C ASP A 72 -2.89 -28.51 9.40
N GLY A 73 -2.02 -28.15 10.34
CA GLY A 73 -2.30 -28.16 11.80
C GLY A 73 -1.04 -27.74 12.48
N THR A 74 -1.12 -27.52 13.80
CA THR A 74 0.01 -27.01 14.52
C THR A 74 1.23 -27.93 14.50
N ASP A 75 1.07 -29.25 14.35
CA ASP A 75 2.21 -30.13 14.29
C ASP A 75 3.02 -29.93 12.95
N TRP A 76 2.36 -29.41 11.90
CA TRP A 76 3.07 -29.23 10.61
C TRP A 76 4.34 -28.38 10.67
N PRO A 77 4.25 -27.14 11.18
CA PRO A 77 5.47 -26.36 11.33
C PRO A 77 6.49 -26.95 12.28
N VAL A 78 6.06 -27.62 13.34
CA VAL A 78 6.98 -28.32 14.21
C VAL A 78 7.80 -29.34 13.44
N ALA A 79 7.12 -30.15 12.65
CA ALA A 79 7.80 -31.16 11.81
C ALA A 79 8.79 -30.54 10.83
N PHE A 80 8.29 -29.53 10.09
CA PHE A 80 9.11 -28.89 9.03
C PHE A 80 10.35 -28.19 9.64
N LEU A 81 10.08 -27.30 10.60
CA LEU A 81 11.20 -26.56 11.22
C LEU A 81 12.08 -27.45 12.06
N GLY A 82 11.50 -28.49 12.70
CA GLY A 82 12.34 -29.34 13.50
C GLY A 82 13.35 -30.10 12.70
N ALA A 83 12.93 -30.64 11.56
CA ALA A 83 13.88 -31.26 10.66
C ALA A 83 14.99 -30.30 10.25
N ILE A 84 14.60 -29.09 9.81
CA ILE A 84 15.53 -28.13 9.31
C ILE A 84 16.50 -27.68 10.40
N TYR A 85 15.99 -27.55 11.60
CA TYR A 85 16.83 -27.14 12.77
C TYR A 85 17.95 -28.19 12.96
N ALA A 86 17.61 -29.46 12.79
CA ALA A 86 18.60 -30.55 12.87
C ALA A 86 19.48 -30.76 11.64
N GLY A 87 19.22 -30.00 10.59
CA GLY A 87 19.96 -30.12 9.33
C GLY A 87 19.54 -31.37 8.54
N ILE A 88 18.37 -31.85 8.86
CA ILE A 88 17.65 -32.92 8.14
C ILE A 88 16.69 -32.29 7.14
N VAL A 89 16.54 -32.89 5.97
CA VAL A 89 15.81 -32.29 4.84
C VAL A 89 14.36 -32.82 4.74
N PRO A 90 13.39 -32.03 5.20
CA PRO A 90 12.00 -32.56 5.06
C PRO A 90 11.54 -32.43 3.63
N VAL A 91 10.79 -33.41 3.17
CA VAL A 91 10.25 -33.49 1.81
C VAL A 91 8.75 -33.35 2.02
N ALA A 92 8.23 -32.16 1.79
CA ALA A 92 6.87 -31.80 2.16
C ALA A 92 5.98 -32.08 0.95
N VAL A 93 5.04 -32.99 1.15
CA VAL A 93 4.29 -33.49 -0.02
C VAL A 93 2.77 -33.34 0.09
N ASN A 94 2.19 -33.29 -1.10
CA ASN A 94 0.73 -33.22 -1.27
C ASN A 94 0.06 -34.38 -0.56
N THR A 95 -1.05 -34.09 0.12
CA THR A 95 -1.74 -35.07 0.97
C THR A 95 -2.85 -35.85 0.20
N LEU A 96 -3.03 -35.58 -1.08
CA LEU A 96 -4.16 -36.17 -1.87
C LEU A 96 -3.61 -37.12 -2.93
N LEU A 97 -2.39 -37.62 -2.74
CA LEU A 97 -1.80 -38.50 -3.74
C LEU A 97 -2.08 -39.96 -3.43
N THR A 98 -1.69 -40.82 -4.35
CA THR A 98 -1.89 -42.27 -4.18
C THR A 98 -0.76 -42.96 -3.51
N ALA A 99 -0.98 -44.20 -3.05
CA ALA A 99 0.08 -44.93 -2.39
C ALA A 99 1.29 -45.15 -3.37
N ASP A 100 1.01 -45.27 -4.65
CA ASP A 100 2.06 -45.39 -5.61
C ASP A 100 2.93 -44.17 -5.76
N ASP A 101 2.30 -43.00 -5.72
CA ASP A 101 3.00 -41.76 -5.70
C ASP A 101 3.92 -41.69 -4.48
N TYR A 102 3.41 -42.03 -3.32
CA TYR A 102 4.24 -41.96 -2.13
C TYR A 102 5.36 -43.00 -2.15
N ALA A 103 5.11 -44.17 -2.70
CA ALA A 103 6.17 -45.19 -2.76
C ALA A 103 7.31 -44.72 -3.62
N TYR A 104 6.98 -44.10 -4.75
CA TYR A 104 8.01 -43.50 -5.63
C TYR A 104 8.80 -42.46 -4.79
N MET A 105 8.06 -41.60 -4.06
CA MET A 105 8.75 -40.54 -3.25
C MET A 105 9.66 -41.09 -2.13
N LEU A 106 9.23 -42.18 -1.51
CA LEU A 106 10.06 -42.82 -0.50
C LEU A 106 11.36 -43.33 -1.08
N GLU A 107 11.27 -43.95 -2.24
CA GLU A 107 12.46 -44.52 -2.87
C GLU A 107 13.35 -43.45 -3.41
N HIS A 108 12.75 -42.48 -4.06
CA HIS A 108 13.52 -41.42 -4.75
C HIS A 108 14.21 -40.50 -3.74
N SER A 109 13.53 -40.18 -2.64
CA SER A 109 14.09 -39.32 -1.61
C SER A 109 15.04 -40.08 -0.67
N ARG A 110 14.97 -41.40 -0.68
CA ARG A 110 15.61 -42.24 0.29
C ARG A 110 15.26 -41.81 1.70
N ALA A 111 14.00 -41.41 1.92
CA ALA A 111 13.58 -40.94 3.24
C ALA A 111 13.89 -41.95 4.36
N GLN A 112 14.43 -41.44 5.46
CA GLN A 112 14.86 -42.27 6.59
C GLN A 112 13.82 -42.31 7.67
N ALA A 113 12.85 -41.43 7.59
CA ALA A 113 11.69 -41.45 8.48
C ALA A 113 10.51 -40.78 7.81
N VAL A 114 9.36 -41.01 8.38
CA VAL A 114 8.14 -40.42 7.87
C VAL A 114 7.37 -39.79 9.03
N LEU A 115 6.99 -38.53 8.84
CA LEU A 115 6.07 -37.79 9.70
C LEU A 115 4.74 -37.70 8.99
N VAL A 116 3.73 -38.33 9.54
CA VAL A 116 2.49 -38.50 8.85
C VAL A 116 1.27 -38.25 9.75
N SER A 117 0.25 -37.60 9.21
CA SER A 117 -1.04 -37.43 9.91
C SER A 117 -1.78 -38.76 9.97
N GLY A 118 -2.45 -39.00 11.08
CA GLY A 118 -3.31 -40.18 11.19
C GLY A 118 -4.22 -40.49 10.07
N ALA A 119 -4.94 -39.50 9.58
CA ALA A 119 -5.78 -39.59 8.42
C ALA A 119 -5.08 -40.14 7.18
N LEU A 120 -3.77 -39.97 7.08
CA LEU A 120 -2.97 -40.35 5.90
C LEU A 120 -2.19 -41.60 6.17
N HIS A 121 -2.32 -42.22 7.36
CA HIS A 121 -1.55 -43.41 7.62
C HIS A 121 -1.93 -44.59 6.67
N PRO A 122 -3.23 -44.75 6.28
CA PRO A 122 -3.54 -45.93 5.44
C PRO A 122 -2.79 -45.89 4.07
N VAL A 123 -2.79 -44.70 3.48
CA VAL A 123 -2.13 -44.56 2.15
C VAL A 123 -0.64 -44.71 2.30
N LEU A 124 -0.11 -44.20 3.44
CA LEU A 124 1.29 -44.33 3.72
C LEU A 124 1.68 -45.80 3.91
N LYS A 125 0.88 -46.52 4.69
CA LYS A 125 1.14 -47.93 4.92
C LYS A 125 1.23 -48.73 3.63
N ALA A 126 0.29 -48.51 2.76
CA ALA A 126 0.32 -49.14 1.43
C ALA A 126 1.60 -48.78 0.67
N ALA A 127 2.03 -47.50 0.73
CA ALA A 127 3.28 -47.11 0.06
C ALA A 127 4.50 -47.81 0.66
N LEU A 128 4.56 -47.93 1.99
CA LEU A 128 5.62 -48.63 2.66
C LEU A 128 5.65 -50.09 2.27
N THR A 129 4.49 -50.71 2.21
CA THR A 129 4.42 -52.14 1.95
C THR A 129 4.94 -52.53 0.55
N LYS A 130 4.71 -51.63 -0.40
CA LYS A 130 5.03 -51.96 -1.76
C LYS A 130 6.43 -51.57 -2.21
N SER A 131 7.12 -50.74 -1.43
CA SER A 131 8.32 -50.10 -1.91
C SER A 131 9.59 -50.62 -1.30
N ASP A 132 10.71 -50.30 -1.98
CA ASP A 132 12.02 -50.67 -1.49
C ASP A 132 12.56 -49.42 -0.78
N HIS A 133 11.94 -49.09 0.35
CA HIS A 133 12.24 -47.87 1.10
C HIS A 133 13.29 -48.10 2.16
N GLU A 134 13.71 -47.00 2.79
CA GLU A 134 14.73 -46.98 3.83
C GLU A 134 14.24 -46.40 5.13
N VAL A 135 12.93 -46.37 5.31
CA VAL A 135 12.28 -45.72 6.45
C VAL A 135 12.55 -46.51 7.75
N GLN A 136 13.17 -45.82 8.71
CA GLN A 136 13.60 -46.35 10.00
C GLN A 136 12.50 -46.21 11.05
N ARG A 137 11.64 -45.21 10.90
CA ARG A 137 10.58 -44.91 11.85
C ARG A 137 9.45 -44.17 11.23
N VAL A 138 8.21 -44.52 11.58
CA VAL A 138 6.98 -43.80 11.22
C VAL A 138 6.45 -43.10 12.50
N ILE A 139 6.34 -41.77 12.42
CA ILE A 139 5.90 -40.89 13.48
C ILE A 139 4.55 -40.34 13.07
N VAL A 140 3.53 -40.66 13.84
CA VAL A 140 2.15 -40.40 13.47
C VAL A 140 1.56 -39.27 14.31
N SER A 141 1.27 -38.15 13.65
CA SER A 141 0.51 -37.05 14.26
C SER A 141 -0.97 -37.28 14.26
N ARG A 142 -1.57 -37.32 15.47
CA ARG A 142 -3.02 -37.52 15.65
C ARG A 142 -3.44 -38.85 15.02
N PRO A 143 -2.92 -39.97 15.55
CA PRO A 143 -3.34 -41.28 14.98
C PRO A 143 -4.86 -41.49 14.96
N ALA A 144 -5.37 -42.11 13.90
CA ALA A 144 -6.78 -42.35 13.70
C ALA A 144 -7.05 -43.87 13.81
N ALA A 145 -6.00 -44.63 14.07
CA ALA A 145 -6.07 -46.09 14.23
C ALA A 145 -4.94 -46.53 15.08
N PRO A 146 -5.06 -47.74 15.62
CA PRO A 146 -3.98 -48.12 16.51
C PRO A 146 -2.62 -48.15 15.85
N LEU A 147 -1.60 -47.80 16.61
CA LEU A 147 -0.24 -47.77 16.15
C LEU A 147 0.21 -49.20 15.92
N GLU A 148 0.94 -49.40 14.83
CA GLU A 148 1.59 -50.64 14.57
C GLU A 148 2.90 -50.73 15.29
N PRO A 149 3.36 -51.95 15.46
CA PRO A 149 4.61 -52.13 16.20
C PRO A 149 5.78 -51.30 15.70
N GLY A 150 6.45 -50.64 16.62
CA GLY A 150 7.52 -49.76 16.26
C GLY A 150 7.16 -48.32 15.82
N GLU A 151 5.89 -48.06 15.44
CA GLU A 151 5.41 -46.67 15.17
C GLU A 151 5.30 -45.87 16.43
N VAL A 152 5.38 -44.55 16.33
CA VAL A 152 5.34 -43.72 17.55
C VAL A 152 4.42 -42.53 17.32
N ASP A 153 3.67 -42.14 18.35
CA ASP A 153 2.83 -40.98 18.32
C ASP A 153 3.75 -39.72 18.34
N PHE A 154 3.45 -38.76 17.48
CA PHE A 154 4.24 -37.54 17.32
C PHE A 154 4.42 -36.77 18.63
N ALA A 155 3.35 -36.68 19.41
CA ALA A 155 3.38 -35.98 20.71
C ALA A 155 4.29 -36.72 21.71
N GLU A 156 4.26 -38.05 21.71
CA GLU A 156 5.17 -38.80 22.60
C GLU A 156 6.59 -38.72 22.14
N PHE A 157 6.82 -38.78 20.83
CA PHE A 157 8.11 -38.64 20.20
C PHE A 157 8.79 -37.31 20.56
N VAL A 158 8.03 -36.22 20.43
CA VAL A 158 8.51 -34.90 20.77
C VAL A 158 8.75 -34.78 22.29
N GLY A 159 7.75 -35.22 23.08
CA GLY A 159 7.80 -35.08 24.53
C GLY A 159 8.88 -35.90 25.20
N ALA A 160 9.36 -36.95 24.53
CA ALA A 160 10.33 -37.86 25.13
C ALA A 160 11.75 -37.40 24.98
N HIS A 161 11.98 -36.28 24.30
CA HIS A 161 13.34 -35.86 24.04
C HIS A 161 13.51 -34.44 24.50
N ALA A 162 14.66 -34.16 25.09
CA ALA A 162 14.99 -32.77 25.47
C ALA A 162 15.38 -32.01 24.22
N PRO A 163 15.26 -30.67 24.23
CA PRO A 163 15.60 -29.91 23.00
C PRO A 163 17.01 -29.97 22.55
N LEU A 164 17.21 -30.07 21.23
CA LEU A 164 18.50 -29.95 20.67
C LEU A 164 19.03 -28.58 21.04
N GLU A 165 20.31 -28.51 21.36
CA GLU A 165 20.87 -27.34 22.04
C GLU A 165 21.39 -26.31 21.11
N LYS A 166 21.73 -26.71 19.88
CA LYS A 166 22.12 -25.80 18.86
C LYS A 166 21.63 -26.36 17.52
N PRO A 167 21.41 -25.49 16.56
CA PRO A 167 21.04 -26.01 15.20
C PRO A 167 22.24 -26.55 14.46
N ALA A 168 21.98 -27.39 13.47
CA ALA A 168 22.97 -27.79 12.51
C ALA A 168 23.60 -26.57 11.87
N ALA A 169 24.93 -26.59 11.83
CA ALA A 169 25.73 -25.48 11.29
C ALA A 169 25.75 -25.48 9.76
N THR A 170 24.57 -25.29 9.20
CA THR A 170 24.40 -25.26 7.77
C THR A 170 24.88 -24.01 7.11
N GLN A 171 25.09 -24.12 5.81
CA GLN A 171 25.34 -23.00 4.96
C GLN A 171 24.03 -22.53 4.28
N ALA A 172 23.97 -21.25 3.93
CA ALA A 172 22.81 -20.65 3.26
C ALA A 172 22.42 -21.39 1.99
N ASP A 173 23.43 -21.89 1.26
CA ASP A 173 23.19 -22.55 -0.02
C ASP A 173 23.14 -24.06 0.12
N ASP A 174 23.12 -24.58 1.32
CA ASP A 174 22.86 -26.01 1.54
C ASP A 174 21.37 -26.31 1.31
N PRO A 175 21.05 -27.50 0.76
CA PRO A 175 19.67 -27.94 0.70
C PRO A 175 19.02 -27.86 2.08
N ALA A 176 17.81 -27.31 2.13
CA ALA A 176 17.03 -27.27 3.36
C ALA A 176 15.78 -28.13 3.32
N PHE A 177 15.08 -28.15 2.18
CA PHE A 177 13.83 -28.95 2.05
C PHE A 177 13.52 -29.20 0.59
N TRP A 178 12.71 -30.22 0.29
CA TRP A 178 12.24 -30.45 -1.07
C TRP A 178 10.71 -30.30 -1.15
N LEU A 179 10.26 -29.92 -2.31
CA LEU A 179 8.86 -30.04 -2.71
C LEU A 179 8.91 -30.90 -3.94
N TYR A 180 7.77 -31.45 -4.33
CA TYR A 180 7.72 -32.21 -5.59
C TYR A 180 6.83 -31.52 -6.57
N SER A 181 7.15 -31.57 -7.84
CA SER A 181 6.34 -30.96 -8.86
C SER A 181 6.16 -31.93 -9.99
N SER A 182 4.95 -32.04 -10.55
CA SER A 182 4.85 -32.99 -11.70
C SER A 182 4.77 -32.28 -13.06
N GLY A 183 5.29 -32.94 -14.08
CA GLY A 183 5.16 -32.50 -15.48
C GLY A 183 4.05 -33.26 -16.19
N SER A 184 4.00 -33.15 -17.51
CA SER A 184 2.83 -33.72 -18.20
C SER A 184 2.90 -35.25 -18.29
N THR A 185 4.12 -35.74 -18.26
CA THR A 185 4.41 -37.19 -18.16
C THR A 185 5.51 -37.42 -17.14
N GLY A 186 5.75 -38.68 -16.80
CA GLY A 186 6.85 -39.01 -15.82
C GLY A 186 6.52 -38.83 -14.39
N ARG A 187 7.46 -39.22 -13.56
CA ARG A 187 7.32 -39.20 -12.14
C ARG A 187 7.49 -37.76 -11.61
N PRO A 188 6.97 -37.50 -10.43
CA PRO A 188 7.19 -36.19 -9.82
C PRO A 188 8.67 -35.87 -9.72
N LYS A 189 9.01 -34.59 -9.85
CA LYS A 189 10.36 -34.14 -9.77
C LYS A 189 10.63 -33.47 -8.41
N GLY A 190 11.73 -33.87 -7.83
CA GLY A 190 12.22 -33.40 -6.49
C GLY A 190 12.91 -32.04 -6.59
N VAL A 191 12.15 -31.00 -6.31
CA VAL A 191 12.66 -29.64 -6.36
C VAL A 191 13.40 -29.32 -5.04
N VAL A 192 14.70 -29.05 -5.15
CA VAL A 192 15.57 -28.88 -3.95
C VAL A 192 15.71 -27.42 -3.64
N HIS A 193 15.27 -27.02 -2.46
CA HIS A 193 15.43 -25.64 -2.04
C HIS A 193 16.44 -25.54 -0.94
N THR A 194 17.12 -24.41 -0.93
CA THR A 194 18.14 -24.12 0.10
C THR A 194 17.60 -23.37 1.31
N HIS A 195 18.44 -23.21 2.35
CA HIS A 195 18.11 -22.40 3.50
C HIS A 195 17.88 -20.92 3.12
N ALA A 196 18.62 -20.41 2.14
CA ALA A 196 18.44 -19.01 1.72
C ALA A 196 17.09 -18.73 1.00
N ASN A 197 16.59 -19.70 0.22
CA ASN A 197 15.47 -19.44 -0.67
C ASN A 197 14.20 -18.93 0.03
N PRO A 198 13.84 -19.54 1.19
CA PRO A 198 12.64 -18.97 1.86
C PRO A 198 12.90 -17.68 2.63
N TYR A 199 14.16 -17.39 2.89
CA TYR A 199 14.50 -16.05 3.41
C TYR A 199 14.22 -15.06 2.34
N TRP A 200 14.65 -15.34 1.12
CA TRP A 200 14.44 -14.41 0.06
C TRP A 200 12.97 -14.18 -0.28
N THR A 201 12.17 -15.24 -0.35
CA THR A 201 10.75 -15.07 -0.75
C THR A 201 10.05 -14.29 0.41
N SER A 202 10.45 -14.55 1.63
CA SER A 202 9.73 -13.99 2.79
C SER A 202 10.03 -12.50 2.95
N GLU A 203 11.24 -12.11 2.53
CA GLU A 203 11.67 -10.71 2.56
C GLU A 203 11.21 -9.94 1.35
N LEU A 204 11.49 -10.45 0.15
CA LEU A 204 11.11 -9.77 -1.09
C LEU A 204 9.59 -9.69 -1.34
N TYR A 205 8.86 -10.74 -1.03
CA TYR A 205 7.41 -10.80 -1.29
C TYR A 205 6.64 -10.57 0.00
N GLY A 206 6.78 -11.47 0.95
CA GLY A 206 5.96 -11.37 2.21
C GLY A 206 6.09 -10.04 2.90
N ARG A 207 7.36 -9.60 3.17
CA ARG A 207 7.54 -8.31 3.85
C ARG A 207 7.45 -7.14 2.83
N ASN A 208 8.27 -7.15 1.79
CA ASN A 208 8.39 -5.97 0.93
C ASN A 208 7.34 -5.74 -0.14
N THR A 209 6.55 -6.76 -0.51
CA THR A 209 5.46 -6.55 -1.47
C THR A 209 4.11 -6.51 -0.75
N LEU A 210 3.83 -7.55 0.01
CA LEU A 210 2.57 -7.62 0.77
C LEU A 210 2.51 -6.72 2.03
N HIS A 211 3.66 -6.39 2.61
CA HIS A 211 3.74 -5.62 3.84
C HIS A 211 3.01 -6.30 4.93
N LEU A 212 3.26 -7.61 5.08
CA LEU A 212 2.73 -8.35 6.25
C LEU A 212 3.34 -7.78 7.51
N ARG A 213 2.65 -7.82 8.64
CA ARG A 213 3.16 -7.26 9.84
C ARG A 213 2.74 -8.08 11.03
N GLU A 214 3.30 -7.72 12.18
CA GLU A 214 3.13 -8.50 13.37
C GLU A 214 1.69 -8.73 13.82
N ASP A 215 0.87 -7.68 13.73
CA ASP A 215 -0.56 -7.81 14.11
C ASP A 215 -1.48 -8.50 13.12
N ASP A 216 -0.95 -8.97 12.01
CA ASP A 216 -1.75 -9.76 11.10
C ASP A 216 -2.06 -11.14 11.65
N VAL A 217 -3.20 -11.67 11.14
CA VAL A 217 -3.61 -13.02 11.30
C VAL A 217 -3.76 -13.59 9.86
N CYS A 218 -2.89 -14.52 9.51
CA CYS A 218 -2.77 -15.08 8.19
C CYS A 218 -3.60 -16.36 8.07
N PHE A 219 -4.31 -16.55 6.97
CA PHE A 219 -5.08 -17.78 6.74
C PHE A 219 -5.03 -18.08 5.26
N SER A 220 -4.46 -19.25 4.94
CA SER A 220 -4.29 -19.65 3.51
C SER A 220 -5.16 -20.84 3.18
N ALA A 221 -5.98 -20.71 2.14
CA ALA A 221 -6.73 -21.91 1.64
C ALA A 221 -5.75 -22.90 1.05
N ALA A 222 -4.64 -22.39 0.48
CA ALA A 222 -3.57 -23.20 0.00
C ALA A 222 -2.82 -23.81 1.12
N LYS A 223 -2.80 -25.14 1.13
CA LYS A 223 -2.10 -25.91 2.08
C LYS A 223 -0.56 -25.68 2.15
N LEU A 224 -0.01 -26.05 3.32
CA LEU A 224 1.39 -25.85 3.65
C LEU A 224 2.33 -26.59 2.70
N PHE A 225 1.90 -27.70 2.10
CA PHE A 225 2.78 -28.42 1.20
C PHE A 225 2.93 -27.76 -0.18
N PHE A 226 2.03 -26.85 -0.52
CA PHE A 226 2.13 -26.05 -1.78
C PHE A 226 3.16 -24.94 -1.50
N ALA A 227 4.04 -24.73 -2.46
CA ALA A 227 4.96 -23.63 -2.35
C ALA A 227 4.20 -22.36 -1.92
N TYR A 228 3.07 -22.09 -2.55
CA TYR A 228 2.30 -20.86 -2.28
C TYR A 228 1.91 -20.82 -0.82
N GLY A 229 1.36 -21.93 -0.33
CA GLY A 229 0.93 -22.01 1.07
C GLY A 229 2.04 -22.03 2.11
N LEU A 230 3.17 -22.64 1.77
CA LEU A 230 4.32 -22.67 2.67
C LEU A 230 4.77 -21.27 3.01
N GLY A 231 4.81 -20.41 2.00
CA GLY A 231 5.12 -18.98 2.21
C GLY A 231 4.00 -18.27 3.01
N ASN A 232 2.79 -18.39 2.50
CA ASN A 232 1.67 -17.65 3.05
C ASN A 232 1.44 -17.91 4.53
N ALA A 233 1.59 -19.16 4.93
CA ALA A 233 1.12 -19.58 6.21
C ALA A 233 2.22 -20.19 7.06
N LEU A 234 3.45 -20.02 6.65
CA LEU A 234 4.55 -20.38 7.54
C LEU A 234 5.70 -19.41 7.40
N THR A 235 6.34 -19.36 6.24
CA THR A 235 7.56 -18.56 6.20
C THR A 235 7.31 -17.04 6.34
N PHE A 236 6.27 -16.55 5.67
CA PHE A 236 5.90 -15.14 5.70
C PHE A 236 5.52 -14.72 7.12
N PRO A 237 4.51 -15.36 7.70
CA PRO A 237 4.10 -14.91 9.04
C PRO A 237 5.17 -15.00 10.11
N MET A 238 5.99 -16.05 10.04
N MET A 238 5.96 -16.08 10.05
CA MET A 238 7.04 -16.21 11.04
CA MET A 238 7.07 -16.24 11.01
C MET A 238 8.17 -15.20 10.86
C MET A 238 8.08 -15.12 10.87
N THR A 239 8.31 -14.66 9.63
CA THR A 239 9.28 -13.64 9.33
C THR A 239 8.94 -12.29 10.03
N VAL A 240 7.65 -11.96 10.16
CA VAL A 240 7.22 -10.69 10.75
C VAL A 240 6.57 -10.85 12.13
N GLY A 241 6.42 -12.06 12.63
CA GLY A 241 5.71 -12.31 13.86
C GLY A 241 4.20 -12.36 13.85
N ALA A 242 3.58 -12.52 12.67
CA ALA A 242 2.12 -12.64 12.58
C ALA A 242 1.65 -13.94 13.16
N THR A 243 0.37 -13.94 13.55
CA THR A 243 -0.31 -15.16 13.97
C THR A 243 -0.90 -15.86 12.74
N THR A 244 -0.87 -17.19 12.73
CA THR A 244 -1.37 -17.99 11.62
C THR A 244 -2.43 -18.98 12.03
N LEU A 245 -3.55 -18.93 11.31
CA LEU A 245 -4.66 -19.89 11.42
C LEU A 245 -4.44 -21.02 10.42
N LEU A 246 -4.50 -22.25 10.92
CA LEU A 246 -4.38 -23.48 10.08
C LEU A 246 -5.67 -24.30 10.16
N MET A 247 -6.01 -24.92 9.03
CA MET A 247 -7.20 -25.69 8.87
C MET A 247 -6.88 -27.02 8.20
N GLY A 248 -7.19 -28.13 8.85
CA GLY A 248 -6.94 -29.45 8.24
C GLY A 248 -7.88 -29.82 7.10
N GLU A 249 -9.16 -29.42 7.22
CA GLU A 249 -10.17 -29.88 6.26
C GLU A 249 -10.07 -29.20 4.87
N ARG A 250 -10.79 -29.76 3.90
CA ARG A 250 -10.88 -29.23 2.57
C ARG A 250 -11.44 -27.81 2.58
N PRO A 251 -10.79 -26.89 1.86
CA PRO A 251 -11.26 -25.53 1.91
C PRO A 251 -12.53 -25.19 1.04
N THR A 252 -13.71 -25.41 1.60
CA THR A 252 -14.90 -24.98 0.94
C THR A 252 -15.25 -23.56 1.32
N PRO A 253 -16.17 -22.90 0.60
CA PRO A 253 -16.66 -21.59 1.04
C PRO A 253 -17.08 -21.54 2.47
N ASP A 254 -17.96 -22.45 2.87
CA ASP A 254 -18.36 -22.48 4.27
C ASP A 254 -17.22 -22.65 5.28
N ALA A 255 -16.27 -23.53 4.97
CA ALA A 255 -15.14 -23.73 5.88
C ALA A 255 -14.32 -22.45 5.99
N VAL A 256 -14.13 -21.78 4.86
CA VAL A 256 -13.38 -20.53 4.87
C VAL A 256 -14.12 -19.44 5.61
N PHE A 257 -15.40 -19.27 5.30
CA PHE A 257 -16.18 -18.25 6.01
C PHE A 257 -16.21 -18.45 7.52
N LYS A 258 -16.29 -19.70 8.00
CA LYS A 258 -16.29 -19.93 9.45
C LYS A 258 -15.04 -19.34 10.13
N ARG A 259 -13.88 -19.47 9.47
CA ARG A 259 -12.67 -18.92 9.98
C ARG A 259 -12.61 -17.40 9.78
N TRP A 260 -13.03 -16.91 8.63
CA TRP A 260 -13.14 -15.45 8.42
C TRP A 260 -13.91 -14.74 9.55
N LEU A 261 -14.94 -15.41 10.06
CA LEU A 261 -15.85 -14.84 11.04
C LEU A 261 -15.41 -15.01 12.46
N GLY A 262 -14.25 -15.61 12.65
CA GLY A 262 -13.64 -15.81 13.95
C GLY A 262 -14.14 -17.04 14.69
N GLY A 263 -14.68 -18.00 13.91
CA GLY A 263 -15.14 -19.25 14.45
C GLY A 263 -14.09 -20.18 15.06
N VAL A 264 -12.80 -19.96 14.77
CA VAL A 264 -11.71 -20.77 15.36
C VAL A 264 -10.68 -19.91 16.09
N GLY A 265 -10.26 -20.42 17.25
CA GLY A 265 -9.18 -19.83 18.00
C GLY A 265 -9.39 -18.42 18.48
N GLY A 266 -10.64 -17.93 18.43
CA GLY A 266 -10.92 -16.58 18.84
C GLY A 266 -10.24 -15.50 17.97
N VAL A 267 -9.82 -15.86 16.73
CA VAL A 267 -9.12 -14.94 15.82
C VAL A 267 -9.82 -14.77 14.50
N LYS A 268 -9.83 -13.53 14.02
CA LYS A 268 -10.27 -13.24 12.67
C LYS A 268 -9.09 -12.95 11.81
N PRO A 269 -8.96 -13.69 10.71
CA PRO A 269 -7.92 -13.43 9.69
C PRO A 269 -7.94 -11.99 9.17
N THR A 270 -6.76 -11.40 9.03
CA THR A 270 -6.59 -10.13 8.32
C THR A 270 -6.05 -10.25 6.90
N VAL A 271 -5.42 -11.40 6.64
CA VAL A 271 -4.84 -11.68 5.34
C VAL A 271 -5.32 -13.07 4.94
N PHE A 272 -5.90 -13.12 3.73
CA PHE A 272 -6.35 -14.35 3.14
C PHE A 272 -5.67 -14.57 1.82
N TYR A 273 -5.46 -15.87 1.53
CA TYR A 273 -4.82 -16.29 0.32
C TYR A 273 -5.56 -17.48 -0.22
N GLY A 274 -5.64 -17.53 -1.54
CA GLY A 274 -6.31 -18.62 -2.19
C GLY A 274 -6.24 -18.59 -3.70
N ALA A 275 -6.77 -19.61 -4.34
CA ALA A 275 -6.89 -19.63 -5.79
C ALA A 275 -8.11 -18.87 -6.29
N PRO A 276 -7.98 -18.31 -7.50
CA PRO A 276 -9.13 -17.72 -8.16
C PRO A 276 -10.40 -18.58 -8.17
N THR A 277 -10.26 -19.91 -8.38
CA THR A 277 -11.42 -20.81 -8.31
C THR A 277 -12.14 -20.67 -6.98
N GLY A 278 -11.38 -20.61 -5.88
CA GLY A 278 -11.97 -20.45 -4.56
C GLY A 278 -12.70 -19.10 -4.43
N TYR A 279 -12.06 -18.05 -4.88
CA TYR A 279 -12.68 -16.73 -4.81
C TYR A 279 -14.01 -16.74 -5.59
N ALA A 280 -14.01 -17.35 -6.76
CA ALA A 280 -15.26 -17.50 -7.58
C ALA A 280 -16.33 -18.26 -6.80
N GLY A 281 -15.93 -19.38 -6.20
CA GLY A 281 -16.80 -20.20 -5.35
C GLY A 281 -17.37 -19.41 -4.19
N MET A 282 -16.53 -18.61 -3.51
CA MET A 282 -17.04 -17.83 -2.36
C MET A 282 -18.01 -16.72 -2.80
N LEU A 283 -17.70 -16.03 -3.89
CA LEU A 283 -18.56 -14.96 -4.38
C LEU A 283 -19.93 -15.52 -4.82
N ALA A 284 -19.95 -16.79 -5.20
CA ALA A 284 -21.22 -17.48 -5.61
C ALA A 284 -22.02 -17.95 -4.44
N ALA A 285 -21.43 -17.94 -3.26
CA ALA A 285 -22.05 -18.51 -2.14
C ALA A 285 -23.12 -17.59 -1.56
N PRO A 286 -24.28 -18.17 -1.24
CA PRO A 286 -25.37 -17.33 -0.76
C PRO A 286 -25.05 -16.67 0.56
N ASN A 287 -24.24 -17.31 1.39
CA ASN A 287 -23.91 -16.80 2.69
C ASN A 287 -22.50 -16.14 2.74
N LEU A 288 -22.08 -15.59 1.61
CA LEU A 288 -20.86 -14.73 1.53
C LEU A 288 -20.93 -13.67 2.63
N PRO A 289 -19.91 -13.60 3.53
CA PRO A 289 -20.04 -12.57 4.58
C PRO A 289 -20.04 -11.15 4.08
N SER A 290 -20.59 -10.24 4.87
CA SER A 290 -20.55 -8.83 4.51
C SER A 290 -19.26 -8.20 5.08
N ARG A 291 -18.87 -7.08 4.49
CA ARG A 291 -17.67 -6.35 4.88
C ARG A 291 -17.59 -6.16 6.38
N ASP A 292 -18.71 -5.93 7.06
CA ASP A 292 -18.60 -5.68 8.53
C ASP A 292 -18.46 -6.91 9.37
N GLN A 293 -18.52 -8.10 8.80
CA GLN A 293 -18.38 -9.26 9.63
C GLN A 293 -16.91 -9.76 9.64
N VAL A 294 -16.08 -9.17 8.81
CA VAL A 294 -14.73 -9.72 8.58
C VAL A 294 -13.69 -8.68 8.88
N ALA A 295 -12.46 -9.16 9.06
CA ALA A 295 -11.35 -8.28 9.41
C ALA A 295 -10.24 -8.29 8.35
N LEU A 296 -10.56 -8.82 7.20
CA LEU A 296 -9.66 -8.83 6.06
C LEU A 296 -9.16 -7.47 5.66
N ARG A 297 -7.86 -7.33 5.49
CA ARG A 297 -7.29 -6.15 4.93
C ARG A 297 -6.55 -6.44 3.65
N LEU A 298 -6.31 -7.73 3.36
CA LEU A 298 -5.47 -8.07 2.21
C LEU A 298 -5.92 -9.41 1.67
N ALA A 299 -6.17 -9.51 0.37
CA ALA A 299 -6.56 -10.78 -0.23
C ALA A 299 -5.58 -11.08 -1.32
N SER A 300 -4.90 -12.21 -1.21
CA SER A 300 -3.88 -12.65 -2.19
C SER A 300 -4.45 -13.77 -3.01
N SER A 301 -4.06 -13.84 -4.29
CA SER A 301 -4.38 -14.95 -5.11
C SER A 301 -3.25 -15.42 -6.00
N ALA A 302 -3.21 -16.75 -6.21
CA ALA A 302 -2.26 -17.34 -7.12
C ALA A 302 -2.72 -18.74 -7.47
N GLY A 303 -1.99 -19.36 -8.37
CA GLY A 303 -2.29 -20.77 -8.74
C GLY A 303 -3.00 -20.89 -10.08
N GLU A 304 -3.57 -19.81 -10.56
CA GLU A 304 -4.08 -19.72 -11.95
C GLU A 304 -4.31 -18.19 -12.20
N ALA A 305 -4.48 -17.81 -13.46
CA ALA A 305 -4.69 -16.40 -13.75
C ALA A 305 -6.01 -16.00 -13.10
N LEU A 306 -6.06 -14.78 -12.51
CA LEU A 306 -7.31 -14.28 -11.95
C LEU A 306 -8.17 -13.63 -13.10
N PRO A 307 -9.34 -14.21 -13.42
CA PRO A 307 -10.23 -13.48 -14.33
C PRO A 307 -10.61 -12.09 -13.76
N ALA A 308 -10.58 -11.06 -14.58
CA ALA A 308 -10.81 -9.67 -14.11
C ALA A 308 -12.12 -9.56 -13.37
N GLU A 309 -13.16 -10.24 -13.87
CA GLU A 309 -14.50 -10.07 -13.25
C GLU A 309 -14.55 -10.57 -11.81
N ILE A 310 -13.69 -11.55 -11.44
CA ILE A 310 -13.70 -12.08 -10.12
C ILE A 310 -13.09 -11.04 -9.20
N GLY A 311 -11.93 -10.50 -9.57
CA GLY A 311 -11.36 -9.39 -8.76
C GLY A 311 -12.28 -8.16 -8.63
N GLN A 312 -12.93 -7.80 -9.72
CA GLN A 312 -13.84 -6.60 -9.73
C GLN A 312 -15.04 -6.88 -8.80
N ARG A 313 -15.64 -8.08 -8.89
CA ARG A 313 -16.75 -8.43 -8.00
C ARG A 313 -16.38 -8.47 -6.54
N PHE A 314 -15.19 -9.00 -6.26
CA PHE A 314 -14.73 -9.08 -4.91
C PHE A 314 -14.53 -7.63 -4.37
N GLN A 315 -13.96 -6.78 -5.20
CA GLN A 315 -13.68 -5.37 -4.81
C GLN A 315 -15.02 -4.65 -4.52
N ARG A 316 -15.97 -4.85 -5.41
CA ARG A 316 -17.30 -4.19 -5.23
C ARG A 316 -17.99 -4.64 -3.99
N HIS A 317 -17.87 -5.93 -3.63
CA HIS A 317 -18.52 -6.42 -2.42
C HIS A 317 -17.75 -6.08 -1.11
N PHE A 318 -16.43 -6.24 -1.14
CA PHE A 318 -15.64 -6.11 0.09
C PHE A 318 -14.94 -4.75 0.21
N GLY A 319 -14.77 -4.03 -0.90
CA GLY A 319 -13.90 -2.83 -0.91
C GLY A 319 -12.41 -3.21 -0.73
N LEU A 320 -12.06 -4.44 -1.12
CA LEU A 320 -10.70 -5.00 -1.12
C LEU A 320 -10.44 -5.53 -2.52
N ASP A 321 -9.29 -5.21 -3.10
CA ASP A 321 -8.87 -5.84 -4.29
C ASP A 321 -8.30 -7.27 -3.97
N ILE A 322 -8.30 -8.09 -4.97
CA ILE A 322 -7.59 -9.34 -4.91
C ILE A 322 -6.25 -9.00 -5.59
N VAL A 323 -5.15 -9.30 -4.90
CA VAL A 323 -3.77 -9.06 -5.43
C VAL A 323 -3.28 -10.38 -6.03
N ASP A 324 -3.32 -10.46 -7.35
CA ASP A 324 -2.94 -11.64 -8.12
C ASP A 324 -1.50 -11.61 -8.48
N GLY A 325 -0.81 -12.71 -8.17
CA GLY A 325 0.60 -12.90 -8.53
C GLY A 325 0.84 -14.33 -9.06
N ILE A 326 1.98 -14.52 -9.72
CA ILE A 326 2.40 -15.82 -10.15
C ILE A 326 3.74 -16.17 -9.54
N GLY A 327 3.82 -17.40 -9.08
CA GLY A 327 5.06 -18.01 -8.66
C GLY A 327 5.15 -19.41 -9.23
N SER A 328 6.16 -20.15 -8.77
CA SER A 328 6.26 -21.58 -9.15
C SER A 328 6.87 -22.36 -8.02
N THR A 329 6.75 -23.70 -8.11
CA THR A 329 7.46 -24.51 -7.14
C THR A 329 8.97 -24.27 -7.23
N GLU A 330 9.48 -24.17 -8.44
CA GLU A 330 10.94 -24.00 -8.65
C GLU A 330 11.47 -22.67 -8.15
N MET A 331 10.65 -21.59 -8.29
CA MET A 331 11.05 -20.29 -7.76
C MET A 331 10.64 -20.03 -6.31
N LEU A 332 9.92 -21.02 -5.75
CA LEU A 332 9.46 -21.04 -4.36
C LEU A 332 8.29 -20.13 -4.04
N HIS A 333 8.32 -18.90 -4.50
CA HIS A 333 7.09 -18.04 -4.38
C HIS A 333 6.98 -17.04 -5.52
N ILE A 334 6.25 -15.95 -5.32
CA ILE A 334 5.79 -15.10 -6.39
C ILE A 334 6.88 -14.15 -6.84
N PHE A 335 7.07 -14.09 -8.16
CA PHE A 335 8.09 -13.22 -8.73
C PHE A 335 7.50 -12.16 -9.68
N LEU A 336 6.19 -12.22 -9.92
CA LEU A 336 5.52 -11.30 -10.87
C LEU A 336 4.14 -11.06 -10.25
N SER A 337 3.82 -9.80 -9.90
CA SER A 337 2.62 -9.57 -9.10
C SER A 337 2.06 -8.18 -9.19
N ASN A 338 0.74 -8.10 -8.99
CA ASN A 338 0.11 -6.92 -8.59
C ASN A 338 0.51 -6.54 -7.19
N LEU A 339 0.25 -5.28 -6.80
CA LEU A 339 0.64 -4.76 -5.52
C LEU A 339 -0.65 -4.41 -4.73
N PRO A 340 -0.57 -4.43 -3.37
CA PRO A 340 -1.72 -4.12 -2.52
C PRO A 340 -2.35 -2.77 -2.99
N ASP A 341 -1.55 -1.77 -3.39
CA ASP A 341 -2.11 -0.46 -3.79
C ASP A 341 -1.97 -0.18 -5.31
N ARG A 342 -1.63 -1.20 -6.08
N ARG A 342 -1.67 -1.22 -6.09
CA ARG A 342 -1.63 -1.11 -7.58
CA ARG A 342 -1.55 -1.10 -7.59
C ARG A 342 -2.01 -2.44 -8.14
C ARG A 342 -1.97 -2.41 -8.24
N VAL A 343 -3.26 -2.52 -8.59
CA VAL A 343 -3.84 -3.70 -9.15
C VAL A 343 -4.34 -3.35 -10.53
N ARG A 344 -3.91 -4.11 -11.49
CA ARG A 344 -4.47 -4.04 -12.85
C ARG A 344 -5.06 -5.34 -13.27
N TYR A 345 -6.39 -5.45 -13.19
CA TYR A 345 -7.07 -6.69 -13.50
C TYR A 345 -6.87 -7.02 -14.97
N GLY A 346 -6.80 -8.32 -15.31
CA GLY A 346 -6.50 -8.82 -16.65
C GLY A 346 -4.98 -8.89 -16.85
N THR A 347 -4.21 -8.58 -15.80
CA THR A 347 -2.75 -8.75 -15.82
C THR A 347 -2.26 -9.36 -14.50
N THR A 348 -1.03 -9.89 -14.53
CA THR A 348 -0.36 -10.38 -13.33
C THR A 348 0.58 -9.35 -12.73
N GLY A 349 0.37 -8.07 -13.06
CA GLY A 349 1.18 -7.02 -12.51
C GLY A 349 2.61 -6.94 -13.02
N TRP A 350 3.51 -6.65 -12.08
CA TRP A 350 4.88 -6.19 -12.42
C TRP A 350 5.91 -7.08 -11.77
N PRO A 351 7.12 -7.13 -12.33
CA PRO A 351 8.14 -7.92 -11.62
C PRO A 351 8.36 -7.52 -10.18
N VAL A 352 8.51 -8.51 -9.31
CA VAL A 352 8.78 -8.30 -7.88
C VAL A 352 10.20 -7.82 -7.76
N PRO A 353 10.40 -6.65 -7.11
CA PRO A 353 11.81 -6.25 -6.94
C PRO A 353 12.67 -7.35 -6.36
N GLY A 354 13.84 -7.53 -6.98
CA GLY A 354 14.77 -8.58 -6.59
C GLY A 354 14.72 -9.74 -7.58
N TYR A 355 13.70 -9.78 -8.42
CA TYR A 355 13.56 -10.76 -9.49
C TYR A 355 13.62 -10.07 -10.87
N GLN A 356 14.39 -10.63 -11.80
CA GLN A 356 14.41 -10.17 -13.20
C GLN A 356 13.63 -11.12 -14.05
N ILE A 357 12.82 -10.58 -14.97
CA ILE A 357 11.91 -11.34 -15.83
C ILE A 357 12.34 -11.12 -17.26
N GLU A 358 12.33 -12.17 -18.05
CA GLU A 358 12.59 -12.08 -19.52
C GLU A 358 11.54 -12.84 -20.30
N LEU A 359 11.17 -12.32 -21.47
CA LEU A 359 10.28 -13.06 -22.40
C LEU A 359 11.11 -13.47 -23.62
N ARG A 360 11.14 -14.77 -23.93
CA ARG A 360 11.99 -15.24 -25.04
C ARG A 360 11.17 -15.85 -26.16
N GLY A 361 11.58 -15.59 -27.40
CA GLY A 361 10.85 -16.09 -28.55
C GLY A 361 11.32 -17.45 -28.96
N ASP A 362 10.93 -17.84 -30.17
CA ASP A 362 11.19 -19.20 -30.70
C ASP A 362 12.66 -19.58 -30.75
N GLY A 363 13.55 -18.60 -30.82
CA GLY A 363 15.00 -18.89 -30.73
C GLY A 363 15.72 -18.38 -29.54
N GLY A 364 14.98 -18.02 -28.50
CA GLY A 364 15.60 -17.40 -27.35
C GLY A 364 15.78 -15.88 -27.51
N GLY A 365 15.34 -15.33 -28.65
CA GLY A 365 15.51 -13.91 -28.97
C GLY A 365 14.50 -13.02 -28.27
N PRO A 366 14.61 -11.69 -28.48
CA PRO A 366 13.66 -10.75 -27.82
C PRO A 366 12.29 -10.79 -28.45
N VAL A 367 11.27 -10.36 -27.70
CA VAL A 367 9.94 -10.28 -28.25
C VAL A 367 9.50 -8.86 -28.05
N ALA A 368 8.75 -8.38 -29.02
CA ALA A 368 8.35 -6.99 -29.01
C ALA A 368 7.18 -6.91 -28.03
N ASP A 369 7.08 -5.76 -27.36
CA ASP A 369 5.96 -5.52 -26.49
C ASP A 369 4.68 -5.81 -27.19
N GLY A 370 3.86 -6.59 -26.52
CA GLY A 370 2.59 -6.94 -27.05
C GLY A 370 2.59 -8.25 -27.77
N GLU A 371 3.76 -8.89 -27.90
CA GLU A 371 3.85 -10.22 -28.47
C GLU A 371 4.18 -11.20 -27.34
N PRO A 372 3.65 -12.41 -27.43
CA PRO A 372 3.92 -13.47 -26.41
C PRO A 372 5.34 -14.02 -26.46
N GLY A 373 5.95 -14.25 -25.30
CA GLY A 373 7.18 -14.99 -25.20
C GLY A 373 7.11 -15.95 -24.01
N ASP A 374 8.01 -16.92 -24.01
CA ASP A 374 8.23 -17.82 -22.90
C ASP A 374 8.87 -17.08 -21.75
N LEU A 375 8.33 -17.29 -20.56
CA LEU A 375 8.80 -16.54 -19.39
C LEU A 375 9.95 -17.19 -18.62
N TYR A 376 11.03 -16.46 -18.38
CA TYR A 376 12.17 -16.95 -17.62
C TYR A 376 12.41 -15.97 -16.49
N ILE A 377 12.86 -16.52 -15.37
CA ILE A 377 13.05 -15.75 -14.14
C ILE A 377 14.44 -15.88 -13.67
N HIS A 378 15.03 -14.74 -13.33
CA HIS A 378 16.29 -14.74 -12.64
C HIS A 378 16.13 -14.13 -11.25
N GLY A 379 16.20 -14.93 -10.21
CA GLY A 379 16.17 -14.34 -8.87
C GLY A 379 16.76 -15.26 -7.82
N PRO A 380 16.80 -14.81 -6.59
CA PRO A 380 17.61 -15.49 -5.57
C PRO A 380 16.91 -16.64 -4.82
N SER A 381 15.64 -16.96 -5.11
CA SER A 381 14.93 -18.06 -4.46
C SER A 381 14.83 -19.28 -5.34
N SER A 382 15.56 -19.34 -6.48
CA SER A 382 15.42 -20.48 -7.36
C SER A 382 15.94 -21.77 -6.73
N ALA A 383 15.24 -22.86 -6.96
CA ALA A 383 15.75 -24.17 -6.61
C ALA A 383 17.01 -24.44 -7.40
N THR A 384 17.78 -25.40 -6.89
CA THR A 384 19.11 -25.69 -7.50
C THR A 384 19.05 -26.74 -8.62
N MET A 385 18.06 -27.61 -8.61
CA MET A 385 18.05 -28.78 -9.49
C MET A 385 16.74 -29.51 -9.17
N TYR A 386 16.42 -30.49 -10.02
CA TYR A 386 15.56 -31.60 -9.75
C TYR A 386 16.48 -32.75 -9.34
N TRP A 387 16.31 -33.23 -8.12
CA TRP A 387 17.21 -34.25 -7.57
C TRP A 387 17.22 -35.48 -8.41
N GLY A 388 18.42 -35.90 -8.81
CA GLY A 388 18.55 -37.12 -9.63
C GLY A 388 17.99 -37.07 -11.02
N ASN A 389 17.65 -35.88 -11.49
CA ASN A 389 17.20 -35.76 -12.88
C ASN A 389 17.97 -34.67 -13.62
N ARG A 390 19.09 -35.07 -14.20
CA ARG A 390 19.97 -34.10 -14.83
C ARG A 390 19.41 -33.51 -16.13
N ALA A 391 18.69 -34.31 -16.89
CA ALA A 391 18.16 -33.85 -18.16
C ALA A 391 17.06 -32.81 -17.97
N LYS A 392 16.14 -33.09 -17.04
CA LYS A 392 15.10 -32.09 -16.72
C LYS A 392 15.67 -30.90 -16.01
N SER A 393 16.71 -31.07 -15.19
CA SER A 393 17.34 -29.93 -14.55
C SER A 393 17.90 -28.98 -15.61
N ARG A 394 18.54 -29.56 -16.62
CA ARG A 394 19.20 -28.78 -17.70
C ARG A 394 18.17 -27.96 -18.46
N ASP A 395 17.02 -28.56 -18.71
CA ASP A 395 15.95 -27.89 -19.45
C ASP A 395 15.42 -26.68 -18.61
N THR A 396 15.27 -26.82 -17.30
CA THR A 396 14.55 -25.83 -16.50
C THR A 396 15.50 -24.77 -15.94
N PHE A 397 16.71 -25.15 -15.51
CA PHE A 397 17.59 -24.26 -14.81
C PHE A 397 18.75 -23.90 -15.76
N GLN A 398 18.54 -22.83 -16.52
CA GLN A 398 19.38 -22.47 -17.69
C GLN A 398 20.25 -21.36 -17.22
N GLY A 399 21.31 -21.77 -16.52
CA GLY A 399 22.35 -20.90 -15.97
C GLY A 399 21.94 -19.59 -15.35
N GLY A 400 21.27 -19.63 -14.20
CA GLY A 400 20.87 -18.40 -13.59
C GLY A 400 19.42 -18.10 -13.92
N TRP A 401 18.92 -18.61 -15.03
CA TRP A 401 17.53 -18.39 -15.46
C TRP A 401 16.75 -19.67 -15.29
N THR A 402 15.56 -19.53 -14.74
CA THR A 402 14.67 -20.61 -14.51
C THR A 402 13.48 -20.42 -15.45
N LYS A 403 13.22 -21.45 -16.22
CA LYS A 403 12.16 -21.48 -17.19
C LYS A 403 10.81 -21.88 -16.57
N SER A 404 9.77 -21.04 -16.65
CA SER A 404 8.51 -21.29 -15.91
C SER A 404 7.56 -22.22 -16.62
N GLY A 405 7.67 -22.35 -17.92
CA GLY A 405 6.62 -23.08 -18.66
C GLY A 405 5.42 -22.23 -19.05
N ASP A 406 5.41 -20.97 -18.61
CA ASP A 406 4.37 -20.05 -19.00
C ASP A 406 4.80 -19.18 -20.20
N LYS A 407 3.79 -18.72 -20.93
CA LYS A 407 3.98 -17.62 -21.87
C LYS A 407 3.30 -16.35 -21.30
N TYR A 408 3.87 -15.21 -21.63
CA TYR A 408 3.30 -13.92 -21.26
C TYR A 408 3.53 -12.84 -22.36
N VAL A 409 2.77 -11.75 -22.25
CA VAL A 409 2.91 -10.53 -23.03
C VAL A 409 3.18 -9.40 -22.08
N ARG A 410 4.15 -8.55 -22.40
CA ARG A 410 4.36 -7.34 -21.63
C ARG A 410 3.61 -6.17 -22.29
N ASN A 411 2.93 -5.44 -21.46
CA ASN A 411 2.03 -4.34 -21.86
C ASN A 411 2.81 -3.03 -21.78
N ASP A 412 2.23 -1.94 -22.31
CA ASP A 412 2.82 -0.60 -22.37
C ASP A 412 3.21 -0.03 -21.03
N ASP A 413 2.43 -0.37 -20.01
CA ASP A 413 2.70 0.10 -18.67
C ASP A 413 3.65 -0.82 -17.89
N GLY A 414 4.23 -1.83 -18.56
CA GLY A 414 5.24 -2.67 -17.93
C GLY A 414 4.58 -3.86 -17.19
N SER A 415 3.24 -3.93 -17.19
CA SER A 415 2.58 -5.10 -16.62
C SER A 415 2.66 -6.29 -17.61
N TYR A 416 2.33 -7.45 -17.10
CA TYR A 416 2.42 -8.70 -17.82
C TYR A 416 1.10 -9.44 -17.85
N THR A 417 0.66 -9.85 -19.04
CA THR A 417 -0.60 -10.59 -19.19
C THR A 417 -0.35 -12.02 -19.63
N TYR A 418 -0.91 -12.97 -18.90
CA TYR A 418 -0.73 -14.39 -19.17
C TYR A 418 -1.19 -14.77 -20.61
N ALA A 419 -0.41 -15.62 -21.25
CA ALA A 419 -0.65 -16.02 -22.62
C ALA A 419 -0.60 -17.54 -22.84
N GLY A 420 -0.63 -18.33 -21.78
CA GLY A 420 -0.75 -19.75 -21.91
C GLY A 420 0.50 -20.49 -21.49
N ARG A 421 0.54 -21.78 -21.79
CA ARG A 421 1.61 -22.67 -21.31
C ARG A 421 2.49 -23.11 -22.48
N THR A 422 3.74 -23.47 -22.20
CA THR A 422 4.65 -24.02 -23.22
C THR A 422 4.59 -25.57 -23.18
N ASP A 423 3.92 -26.11 -22.19
CA ASP A 423 3.60 -27.54 -22.22
C ASP A 423 2.08 -27.72 -22.33
N ASP A 424 1.66 -28.94 -22.09
CA ASP A 424 0.29 -29.29 -22.20
C ASP A 424 -0.38 -29.29 -20.83
N MET A 425 0.32 -28.81 -19.80
CA MET A 425 -0.29 -28.83 -18.47
C MET A 425 -1.46 -27.89 -18.37
N LEU A 426 -2.40 -28.26 -17.52
CA LEU A 426 -3.52 -27.39 -17.16
C LEU A 426 -3.30 -26.95 -15.74
N LYS A 427 -3.69 -25.72 -15.45
CA LYS A 427 -3.65 -25.25 -14.06
C LYS A 427 -5.11 -25.09 -13.67
N VAL A 428 -5.55 -25.98 -12.78
CA VAL A 428 -6.94 -26.13 -12.43
C VAL A 428 -6.89 -25.83 -10.93
N SER A 429 -7.08 -24.55 -10.61
CA SER A 429 -7.17 -24.12 -9.25
C SER A 429 -5.97 -24.26 -8.39
N GLY A 430 -4.78 -23.89 -8.91
CA GLY A 430 -3.55 -23.96 -8.15
C GLY A 430 -2.70 -25.15 -8.31
N ILE A 431 -3.27 -26.10 -9.06
CA ILE A 431 -2.75 -27.41 -9.07
C ILE A 431 -2.60 -27.73 -10.54
N TYR A 432 -1.38 -28.07 -10.90
CA TYR A 432 -1.06 -28.54 -12.22
C TYR A 432 -1.75 -29.87 -12.37
N VAL A 433 -2.40 -30.07 -13.53
CA VAL A 433 -3.02 -31.33 -13.86
C VAL A 433 -2.59 -31.69 -15.29
N SER A 434 -2.10 -32.92 -15.50
CA SER A 434 -1.72 -33.36 -16.84
C SER A 434 -2.94 -33.88 -17.57
N PRO A 435 -3.24 -33.31 -18.72
CA PRO A 435 -4.32 -33.97 -19.54
C PRO A 435 -4.03 -35.44 -19.92
N PHE A 436 -2.76 -35.80 -20.05
CA PHE A 436 -2.38 -37.13 -20.45
C PHE A 436 -2.68 -38.11 -19.33
N GLU A 437 -2.57 -37.66 -18.10
CA GLU A 437 -2.99 -38.53 -16.97
C GLU A 437 -4.47 -38.85 -16.99
N ILE A 438 -5.28 -37.85 -17.30
CA ILE A 438 -6.73 -38.02 -17.28
C ILE A 438 -7.08 -38.95 -18.46
N GLU A 439 -6.44 -38.76 -19.60
CA GLU A 439 -6.65 -39.62 -20.74
C GLU A 439 -6.30 -41.09 -20.47
N ALA A 440 -5.14 -41.29 -19.84
CA ALA A 440 -4.67 -42.61 -19.41
C ALA A 440 -5.69 -43.32 -18.52
N THR A 441 -6.33 -42.58 -17.64
CA THR A 441 -7.39 -43.14 -16.81
C THR A 441 -8.70 -43.48 -17.60
N LEU A 442 -9.14 -42.56 -18.44
CA LEU A 442 -10.31 -42.82 -19.29
C LEU A 442 -10.18 -44.08 -20.19
N VAL A 443 -9.04 -44.30 -20.83
CA VAL A 443 -8.93 -45.40 -21.77
C VAL A 443 -8.86 -46.75 -21.08
N GLN A 444 -8.70 -46.76 -19.76
CA GLN A 444 -8.84 -48.06 -19.05
C GLN A 444 -10.29 -48.48 -18.76
N HIS A 445 -11.26 -47.64 -19.04
CA HIS A 445 -12.66 -48.06 -19.04
C HIS A 445 -12.90 -48.94 -20.26
N PRO A 446 -13.44 -50.17 -20.07
CA PRO A 446 -13.56 -51.06 -21.24
C PRO A 446 -14.49 -50.57 -22.38
N GLY A 447 -15.38 -49.61 -22.11
CA GLY A 447 -16.20 -49.00 -23.14
C GLY A 447 -15.59 -47.84 -23.91
N VAL A 448 -14.35 -47.45 -23.57
CA VAL A 448 -13.75 -46.26 -24.18
C VAL A 448 -12.75 -46.83 -25.20
N LEU A 449 -12.76 -46.31 -26.44
CA LEU A 449 -11.71 -46.64 -27.41
C LEU A 449 -10.54 -45.68 -27.35
N GLU A 450 -10.87 -44.41 -27.32
CA GLU A 450 -9.84 -43.35 -27.32
C GLU A 450 -10.33 -42.18 -26.49
N ALA A 451 -9.39 -41.35 -26.03
CA ALA A 451 -9.81 -40.15 -25.32
C ALA A 451 -8.76 -39.03 -25.47
N ALA A 452 -9.25 -37.79 -25.46
CA ALA A 452 -8.41 -36.59 -25.55
C ALA A 452 -8.93 -35.59 -24.54
N VAL A 453 -8.02 -34.95 -23.81
CA VAL A 453 -8.42 -34.01 -22.79
C VAL A 453 -7.74 -32.70 -23.08
N VAL A 454 -8.53 -31.62 -23.08
CA VAL A 454 -8.00 -30.25 -23.23
C VAL A 454 -8.61 -29.36 -22.16
N GLY A 455 -8.02 -28.18 -22.02
CA GLY A 455 -8.58 -27.20 -21.13
C GLY A 455 -9.64 -26.37 -21.79
N VAL A 456 -10.70 -26.10 -21.08
CA VAL A 456 -11.78 -25.20 -21.51
C VAL A 456 -12.11 -24.23 -20.37
N ALA A 457 -12.42 -22.98 -20.73
CA ALA A 457 -12.77 -21.96 -19.76
C ALA A 457 -14.19 -22.13 -19.35
N ASP A 458 -14.46 -22.13 -18.04
CA ASP A 458 -15.83 -22.23 -17.55
C ASP A 458 -16.57 -20.87 -17.59
N GLU A 459 -17.72 -20.76 -16.95
CA GLU A 459 -18.54 -19.51 -17.04
C GLU A 459 -17.84 -18.32 -16.37
N HIS A 460 -16.83 -18.57 -15.52
CA HIS A 460 -16.07 -17.51 -14.88
C HIS A 460 -14.75 -17.25 -15.51
N GLY A 461 -14.46 -17.91 -16.63
CA GLY A 461 -13.17 -17.78 -17.30
C GLY A 461 -12.07 -18.70 -16.72
N LEU A 462 -12.42 -19.61 -15.84
CA LEU A 462 -11.43 -20.47 -15.19
C LEU A 462 -11.26 -21.83 -15.95
N THR A 463 -9.99 -22.25 -16.12
CA THR A 463 -9.69 -23.43 -16.92
C THR A 463 -10.00 -24.75 -16.19
N LYS A 464 -10.78 -25.63 -16.84
CA LYS A 464 -11.14 -26.95 -16.33
C LYS A 464 -10.85 -27.95 -17.41
N PRO A 465 -10.58 -29.21 -17.03
CA PRO A 465 -10.41 -30.20 -18.12
C PRO A 465 -11.77 -30.47 -18.82
N LYS A 466 -11.72 -30.81 -20.11
CA LYS A 466 -12.85 -31.24 -20.89
C LYS A 466 -12.39 -32.45 -21.70
N ALA A 467 -13.15 -33.53 -21.65
CA ALA A 467 -12.72 -34.80 -22.23
C ALA A 467 -13.56 -35.08 -23.52
N TYR A 468 -12.90 -35.47 -24.58
CA TYR A 468 -13.56 -35.96 -25.83
C TYR A 468 -13.25 -37.44 -25.88
N VAL A 469 -14.30 -38.25 -25.94
CA VAL A 469 -14.16 -39.67 -25.77
C VAL A 469 -14.80 -40.34 -26.98
N VAL A 470 -14.04 -41.23 -27.60
CA VAL A 470 -14.58 -42.12 -28.59
C VAL A 470 -14.98 -43.43 -27.95
N PRO A 471 -16.26 -43.77 -27.99
CA PRO A 471 -16.65 -45.07 -27.40
C PRO A 471 -16.23 -46.26 -28.26
N ARG A 472 -16.03 -47.40 -27.63
CA ARG A 472 -15.62 -48.62 -28.31
C ARG A 472 -16.92 -49.17 -28.95
N PRO A 473 -16.90 -49.39 -30.26
CA PRO A 473 -18.06 -50.07 -30.89
C PRO A 473 -18.39 -51.39 -30.17
N GLY A 474 -19.67 -51.61 -29.88
CA GLY A 474 -20.14 -52.90 -29.37
C GLY A 474 -20.14 -53.01 -27.84
N GLN A 475 -19.61 -51.99 -27.16
CA GLN A 475 -19.80 -51.81 -25.71
C GLN A 475 -20.78 -50.68 -25.55
N THR A 476 -21.36 -50.63 -24.37
CA THR A 476 -22.19 -49.50 -24.01
C THR A 476 -21.40 -48.69 -23.00
N LEU A 477 -21.76 -47.44 -22.91
CA LEU A 477 -21.05 -46.51 -22.07
C LEU A 477 -21.96 -45.29 -21.93
N SER A 478 -22.44 -45.02 -20.72
CA SER A 478 -23.22 -43.80 -20.45
C SER A 478 -22.30 -42.76 -19.83
N GLU A 479 -22.69 -41.49 -19.89
CA GLU A 479 -21.96 -40.45 -19.17
C GLU A 479 -21.99 -40.69 -17.62
N THR A 480 -23.14 -41.09 -17.08
CA THR A 480 -23.22 -41.40 -15.66
C THR A 480 -22.21 -42.54 -15.34
N GLU A 481 -22.15 -43.58 -16.20
CA GLU A 481 -21.21 -44.70 -16.04
C GLU A 481 -19.76 -44.16 -15.93
N LEU A 482 -19.47 -43.20 -16.80
CA LEU A 482 -18.13 -42.70 -16.88
C LEU A 482 -17.75 -41.85 -15.67
N LYS A 483 -18.71 -41.06 -15.18
CA LYS A 483 -18.59 -40.29 -13.92
C LYS A 483 -18.26 -41.15 -12.69
N THR A 484 -19.03 -42.21 -12.50
CA THR A 484 -18.78 -43.19 -11.44
C THR A 484 -17.36 -43.78 -11.56
N PHE A 485 -17.00 -44.12 -12.80
CA PHE A 485 -15.69 -44.71 -13.01
C PHE A 485 -14.58 -43.74 -12.59
N ILE A 486 -14.68 -42.50 -12.99
CA ILE A 486 -13.60 -41.62 -12.60
C ILE A 486 -13.62 -41.16 -11.14
N LYS A 487 -14.79 -41.20 -10.46
CA LYS A 487 -14.95 -40.70 -9.06
C LYS A 487 -13.81 -41.06 -8.06
N ASP A 488 -13.54 -42.34 -7.82
CA ASP A 488 -12.43 -42.68 -6.89
C ASP A 488 -11.06 -42.95 -7.56
N ARG A 489 -11.01 -42.91 -8.90
CA ARG A 489 -9.73 -43.03 -9.62
C ARG A 489 -8.96 -41.74 -9.79
N LEU A 490 -9.62 -40.60 -9.77
CA LEU A 490 -8.91 -39.36 -9.80
C LEU A 490 -9.38 -38.49 -8.66
N ALA A 491 -8.49 -37.64 -8.16
CA ALA A 491 -8.85 -36.54 -7.28
C ALA A 491 -9.84 -35.61 -7.98
N PRO A 492 -10.77 -35.02 -7.22
CA PRO A 492 -11.85 -34.20 -7.75
C PRO A 492 -11.43 -32.98 -8.60
N TYR A 493 -10.31 -32.32 -8.30
CA TYR A 493 -9.88 -31.16 -9.12
C TYR A 493 -9.66 -31.59 -10.58
N LYS A 494 -9.32 -32.88 -10.74
CA LYS A 494 -9.05 -33.48 -12.06
C LYS A 494 -10.22 -33.99 -12.82
N TYR A 495 -11.39 -33.95 -12.21
CA TYR A 495 -12.55 -34.40 -12.88
C TYR A 495 -12.79 -33.51 -14.13
N PRO A 496 -13.06 -34.12 -15.29
CA PRO A 496 -13.48 -33.30 -16.42
C PRO A 496 -14.76 -32.58 -16.07
N ARG A 497 -14.89 -31.32 -16.47
CA ARG A 497 -16.08 -30.56 -16.23
C ARG A 497 -17.18 -31.05 -17.13
N SER A 498 -16.86 -31.47 -18.34
CA SER A 498 -17.80 -32.24 -19.16
C SER A 498 -17.03 -33.22 -20.04
N THR A 499 -17.74 -34.26 -20.46
CA THR A 499 -17.28 -35.24 -21.43
C THR A 499 -18.17 -35.19 -22.65
N VAL A 500 -17.58 -35.15 -23.83
CA VAL A 500 -18.33 -35.16 -25.10
C VAL A 500 -18.00 -36.45 -25.83
N PHE A 501 -19.04 -37.19 -26.25
CA PHE A 501 -18.83 -38.43 -26.93
C PHE A 501 -18.76 -38.08 -28.39
N VAL A 502 -17.74 -38.53 -29.08
CA VAL A 502 -17.52 -38.21 -30.51
C VAL A 502 -17.25 -39.49 -31.27
N ALA A 503 -17.42 -39.43 -32.61
CA ALA A 503 -17.24 -40.64 -33.42
C ALA A 503 -15.76 -40.84 -33.75
N GLU A 504 -15.04 -39.75 -33.76
CA GLU A 504 -13.62 -39.82 -34.05
C GLU A 504 -12.92 -38.57 -33.50
N LEU A 505 -11.61 -38.67 -33.40
CA LEU A 505 -10.80 -37.51 -33.01
C LEU A 505 -9.95 -37.01 -34.21
N PRO A 506 -9.69 -35.69 -34.30
CA PRO A 506 -8.82 -35.11 -35.33
C PRO A 506 -7.38 -35.56 -35.11
N LYS A 507 -6.75 -36.16 -36.11
CA LYS A 507 -5.40 -36.67 -35.92
C LYS A 507 -4.54 -36.38 -37.11
N THR A 508 -3.23 -36.37 -36.90
CA THR A 508 -2.26 -36.37 -38.05
C THR A 508 -2.22 -37.78 -38.65
N ALA A 509 -1.52 -38.00 -39.78
CA ALA A 509 -1.43 -39.37 -40.40
C ALA A 509 -0.64 -40.37 -39.54
N THR A 510 0.05 -39.89 -38.53
CA THR A 510 0.84 -40.67 -37.63
C THR A 510 -0.04 -41.13 -36.41
N GLY A 511 -1.21 -40.50 -36.25
CA GLY A 511 -2.10 -40.85 -35.15
C GLY A 511 -1.98 -39.95 -33.98
N LYS A 512 -1.19 -38.88 -34.10
CA LYS A 512 -1.12 -37.89 -33.06
C LYS A 512 -2.44 -37.08 -33.02
N ILE A 513 -3.00 -36.91 -31.84
CA ILE A 513 -4.26 -36.18 -31.72
C ILE A 513 -3.96 -34.69 -31.87
N GLN A 514 -4.70 -34.00 -32.74
CA GLN A 514 -4.57 -32.55 -32.92
C GLN A 514 -5.36 -31.85 -31.85
N ARG A 515 -4.80 -31.78 -30.66
CA ARG A 515 -5.53 -31.22 -29.53
C ARG A 515 -5.90 -29.75 -29.79
N PHE A 516 -5.10 -29.07 -30.57
CA PHE A 516 -5.39 -27.66 -30.86
C PHE A 516 -6.72 -27.52 -31.59
N LYS A 517 -7.08 -28.53 -32.38
CA LYS A 517 -8.38 -28.51 -33.11
C LYS A 517 -9.51 -28.69 -32.14
N LEU A 518 -9.25 -29.41 -31.05
CA LEU A 518 -10.24 -29.54 -30.00
C LEU A 518 -10.49 -28.24 -29.25
N ARG A 519 -9.44 -27.48 -28.95
CA ARG A 519 -9.62 -26.20 -28.30
C ARG A 519 -10.30 -25.19 -29.23
N GLU A 520 -10.08 -25.35 -30.53
CA GLU A 520 -10.71 -24.48 -31.54
C GLU A 520 -12.17 -24.79 -31.82
N GLY A 521 -12.74 -25.78 -31.12
CA GLY A 521 -14.16 -26.15 -31.30
C GLY A 521 -14.55 -27.11 -32.42
N VAL A 522 -13.60 -27.75 -33.09
CA VAL A 522 -13.93 -28.59 -34.27
C VAL A 522 -15.00 -29.65 -33.94
N LEU A 523 -15.04 -30.08 -32.69
CA LEU A 523 -16.07 -31.00 -32.26
C LEU A 523 -16.90 -30.30 -31.18
N VAL B 6 16.71 7.61 -1.60
CA VAL B 6 16.45 8.82 -2.46
C VAL B 6 17.79 9.55 -2.70
N THR B 7 18.13 9.75 -3.96
CA THR B 7 19.34 10.49 -4.27
C THR B 7 19.24 12.00 -3.98
N PRO B 8 20.26 12.58 -3.32
CA PRO B 8 20.20 14.03 -3.14
C PRO B 8 20.22 14.79 -4.45
N PRO B 9 19.55 15.97 -4.50
CA PRO B 9 19.63 16.69 -5.74
C PRO B 9 21.05 17.20 -5.99
N PRO B 10 21.39 17.46 -7.24
CA PRO B 10 22.73 17.95 -7.53
C PRO B 10 22.92 19.36 -6.99
N GLU B 11 24.16 19.81 -6.83
CA GLU B 11 24.43 21.16 -6.28
C GLU B 11 23.83 22.29 -7.16
N LYS B 12 23.93 22.16 -8.47
CA LYS B 12 23.34 23.09 -9.42
C LYS B 12 21.97 22.50 -9.70
N PHE B 13 20.93 23.23 -9.31
CA PHE B 13 19.57 22.61 -9.33
C PHE B 13 18.57 23.77 -9.34
N ASN B 14 17.62 23.67 -10.26
CA ASN B 14 16.51 24.56 -10.39
C ASN B 14 15.25 23.68 -10.35
N PHE B 15 14.50 23.80 -9.26
CA PHE B 15 13.32 22.96 -9.10
C PHE B 15 12.32 23.00 -10.22
N ALA B 16 12.04 24.17 -10.82
CA ALA B 16 11.10 24.23 -11.93
C ALA B 16 11.64 23.43 -13.10
N GLU B 17 12.89 23.69 -13.46
CA GLU B 17 13.55 22.92 -14.56
C GLU B 17 13.49 21.38 -14.31
N HIS B 18 13.67 20.98 -13.04
CA HIS B 18 13.55 19.58 -12.66
C HIS B 18 12.19 19.06 -13.00
N LEU B 19 11.13 19.77 -12.61
CA LEU B 19 9.77 19.31 -12.90
C LEU B 19 9.40 19.30 -14.39
N LEU B 20 9.86 20.31 -15.12
CA LEU B 20 9.69 20.33 -16.56
C LEU B 20 10.44 19.15 -17.22
N GLN B 21 11.69 18.95 -16.84
CA GLN B 21 12.50 17.87 -17.44
C GLN B 21 11.85 16.53 -17.20
N THR B 22 11.34 16.33 -15.98
CA THR B 22 10.72 15.08 -15.60
C THR B 22 9.60 14.68 -16.57
N ASN B 23 8.89 15.64 -17.12
CA ASN B 23 7.69 15.42 -17.84
C ASN B 23 7.89 15.60 -19.35
N ARG B 24 9.13 15.69 -19.78
CA ARG B 24 9.42 15.78 -21.25
C ARG B 24 9.08 14.44 -21.93
N VAL B 25 8.93 13.39 -21.15
CA VAL B 25 8.47 12.14 -21.72
C VAL B 25 6.99 12.06 -21.97
N ARG B 26 6.19 13.00 -21.45
CA ARG B 26 4.74 12.93 -21.60
C ARG B 26 4.10 14.25 -21.99
N PRO B 27 4.63 14.87 -23.08
CA PRO B 27 4.16 16.19 -23.46
C PRO B 27 2.70 16.34 -23.62
N ASP B 28 2.01 15.32 -24.11
CA ASP B 28 0.59 15.50 -24.40
C ASP B 28 -0.35 15.02 -23.32
N LYS B 29 0.18 14.57 -22.21
CA LYS B 29 -0.70 14.19 -21.11
C LYS B 29 -1.15 15.45 -20.40
N THR B 30 -2.39 15.49 -19.90
CA THR B 30 -2.89 16.63 -19.17
C THR B 30 -2.13 16.82 -17.84
N ALA B 31 -1.59 17.99 -17.65
CA ALA B 31 -0.89 18.37 -16.39
C ALA B 31 -1.90 18.91 -15.42
N PHE B 32 -2.70 19.89 -15.85
CA PHE B 32 -3.63 20.59 -14.93
C PHE B 32 -4.89 20.85 -15.67
N VAL B 33 -5.99 20.68 -15.02
CA VAL B 33 -7.27 20.97 -15.58
C VAL B 33 -8.14 21.63 -14.50
N ASP B 34 -8.86 22.68 -14.89
CA ASP B 34 -9.81 23.30 -13.96
C ASP B 34 -11.16 23.47 -14.69
N ASP B 35 -12.06 24.26 -14.12
CA ASP B 35 -13.44 24.36 -14.65
C ASP B 35 -13.44 24.93 -16.07
N ILE B 36 -12.43 25.68 -16.45
CA ILE B 36 -12.51 26.32 -17.75
C ILE B 36 -11.35 26.05 -18.69
N SER B 37 -10.23 25.50 -18.22
CA SER B 37 -9.04 25.41 -19.05
C SER B 37 -8.29 24.09 -18.71
N SER B 38 -7.32 23.76 -19.54
CA SER B 38 -6.42 22.65 -19.30
C SER B 38 -5.11 22.92 -19.92
N LEU B 39 -4.09 22.29 -19.38
CA LEU B 39 -2.75 22.47 -19.88
C LEU B 39 -2.14 21.07 -19.92
N SER B 40 -1.62 20.69 -21.07
CA SER B 40 -0.79 19.50 -21.15
C SER B 40 0.58 19.87 -20.58
N PHE B 41 1.38 18.85 -20.30
CA PHE B 41 2.75 19.06 -19.82
C PHE B 41 3.56 19.96 -20.76
N ALA B 42 3.41 19.73 -22.08
CA ALA B 42 4.13 20.61 -23.04
C ALA B 42 3.63 22.08 -23.01
N GLN B 43 2.32 22.28 -22.94
CA GLN B 43 1.77 23.62 -22.88
C GLN B 43 2.14 24.30 -21.54
N LEU B 44 2.13 23.52 -20.45
CA LEU B 44 2.62 24.04 -19.17
C LEU B 44 4.08 24.52 -19.24
N GLU B 45 4.94 23.71 -19.85
CA GLU B 45 6.34 24.11 -20.02
C GLU B 45 6.45 25.43 -20.80
N ALA B 46 5.76 25.51 -21.89
CA ALA B 46 5.82 26.73 -22.76
C ALA B 46 5.36 27.96 -22.00
N GLN B 47 4.23 27.85 -21.32
CA GLN B 47 3.66 28.97 -20.58
C GLN B 47 4.55 29.38 -19.42
N THR B 48 5.09 28.38 -18.71
CA THR B 48 6.01 28.60 -17.63
C THR B 48 7.25 29.37 -18.09
N ARG B 49 7.86 28.92 -19.19
CA ARG B 49 9.07 29.59 -19.65
C ARG B 49 8.77 30.99 -20.26
N GLN B 50 7.65 31.15 -20.89
CA GLN B 50 7.19 32.49 -21.38
C GLN B 50 6.95 33.46 -20.21
N LEU B 51 6.29 32.96 -19.15
CA LEU B 51 6.08 33.78 -17.96
CA LEU B 51 6.11 33.79 -17.97
C LEU B 51 7.45 34.14 -17.37
N ALA B 52 8.36 33.19 -17.32
CA ALA B 52 9.67 33.47 -16.80
C ALA B 52 10.29 34.68 -17.55
N ALA B 53 10.17 34.63 -18.87
CA ALA B 53 10.81 35.69 -19.70
C ALA B 53 10.09 36.99 -19.49
N ALA B 54 8.79 36.92 -19.34
CA ALA B 54 7.95 38.09 -19.16
C ALA B 54 8.30 38.83 -17.88
N LEU B 55 8.52 38.07 -16.76
CA LEU B 55 8.94 38.66 -15.51
C LEU B 55 10.29 39.36 -15.65
N ARG B 56 11.24 38.69 -16.29
CA ARG B 56 12.50 39.32 -16.58
C ARG B 56 12.35 40.58 -17.40
N ALA B 57 11.43 40.58 -18.37
CA ALA B 57 11.27 41.73 -19.28
C ALA B 57 10.69 42.95 -18.57
N ILE B 58 10.01 42.78 -17.43
CA ILE B 58 9.54 43.94 -16.71
C ILE B 58 10.53 44.31 -15.63
N GLY B 59 11.71 43.75 -15.69
CA GLY B 59 12.79 44.16 -14.83
C GLY B 59 12.96 43.42 -13.53
N VAL B 60 12.15 42.36 -13.29
CA VAL B 60 12.33 41.59 -12.04
C VAL B 60 13.60 40.72 -12.11
N LYS B 61 14.45 40.82 -11.10
CA LYS B 61 15.75 40.18 -11.11
C LYS B 61 15.80 38.89 -10.33
N ARG B 62 16.79 38.10 -10.65
CA ARG B 62 17.08 36.97 -9.78
C ARG B 62 17.14 37.39 -8.30
N GLU B 63 16.53 36.53 -7.48
CA GLU B 63 16.45 36.66 -6.02
C GLU B 63 15.37 37.63 -5.52
N GLU B 64 14.83 38.48 -6.41
CA GLU B 64 13.72 39.38 -6.02
C GLU B 64 12.43 38.57 -5.84
N ARG B 65 11.56 39.07 -4.96
CA ARG B 65 10.27 38.45 -4.77
C ARG B 65 9.18 38.99 -5.66
N VAL B 66 8.15 38.13 -5.95
CA VAL B 66 6.89 38.52 -6.48
C VAL B 66 5.79 37.89 -5.58
N LEU B 67 4.68 38.62 -5.41
CA LEU B 67 3.56 38.11 -4.61
C LEU B 67 2.68 37.30 -5.56
N LEU B 68 2.30 36.07 -5.13
CA LEU B 68 1.41 35.22 -5.92
C LEU B 68 0.12 35.07 -5.08
N LEU B 69 -0.89 35.84 -5.47
CA LEU B 69 -2.18 35.93 -4.74
C LEU B 69 -3.27 35.47 -5.71
N MET B 70 -3.43 34.14 -5.82
N MET B 70 -3.50 34.17 -5.79
CA MET B 70 -4.24 33.56 -6.87
CA MET B 70 -4.26 33.64 -6.89
C MET B 70 -5.07 32.38 -6.39
C MET B 70 -5.04 32.39 -6.46
N LEU B 71 -6.30 32.32 -6.88
CA LEU B 71 -7.14 31.16 -6.70
C LEU B 71 -6.56 29.95 -7.44
N ASP B 72 -6.92 28.74 -7.00
CA ASP B 72 -6.46 27.54 -7.68
C ASP B 72 -7.05 27.52 -9.14
N GLY B 73 -6.20 27.29 -10.10
CA GLY B 73 -6.55 27.10 -11.51
C GLY B 73 -5.26 26.99 -12.27
N THR B 74 -5.37 26.71 -13.58
CA THR B 74 -4.21 26.45 -14.38
C THR B 74 -3.14 27.53 -14.43
N ASP B 75 -3.50 28.81 -14.26
CA ASP B 75 -2.51 29.84 -14.24
C ASP B 75 -1.57 29.82 -12.99
N TRP B 76 -2.05 29.22 -11.91
CA TRP B 76 -1.30 29.17 -10.65
C TRP B 76 0.03 28.47 -10.81
N PRO B 77 0.06 27.21 -11.32
CA PRO B 77 1.36 26.60 -11.47
C PRO B 77 2.27 27.33 -12.50
N VAL B 78 1.67 27.92 -13.52
CA VAL B 78 2.47 28.74 -14.50
C VAL B 78 3.14 29.90 -13.80
N ALA B 79 2.41 30.57 -12.92
CA ALA B 79 2.98 31.70 -12.17
C ALA B 79 4.10 31.22 -11.24
N PHE B 80 3.82 30.14 -10.53
CA PHE B 80 4.73 29.61 -9.51
C PHE B 80 5.99 29.06 -10.13
N LEU B 81 5.80 28.15 -11.07
CA LEU B 81 6.98 27.61 -11.73
C LEU B 81 7.70 28.60 -12.66
N GLY B 82 6.99 29.55 -13.23
CA GLY B 82 7.65 30.53 -14.15
C GLY B 82 8.55 31.48 -13.42
N ALA B 83 8.10 31.97 -12.26
CA ALA B 83 9.04 32.67 -11.34
C ALA B 83 10.25 31.84 -10.98
N ILE B 84 10.02 30.62 -10.50
CA ILE B 84 11.15 29.82 -10.04
C ILE B 84 12.11 29.52 -11.20
N TYR B 85 11.56 29.27 -12.39
CA TYR B 85 12.38 29.02 -13.60
C TYR B 85 13.34 30.22 -13.85
N ALA B 86 12.79 31.41 -13.71
CA ALA B 86 13.54 32.66 -13.79
C ALA B 86 14.53 32.96 -12.62
N GLY B 87 14.50 32.16 -11.55
CA GLY B 87 15.27 32.49 -10.36
C GLY B 87 14.67 33.63 -9.54
N ILE B 88 13.40 33.92 -9.79
CA ILE B 88 12.62 34.91 -9.03
C ILE B 88 11.85 34.14 -7.94
N VAL B 89 11.68 34.74 -6.78
CA VAL B 89 11.11 34.02 -5.63
C VAL B 89 9.61 34.37 -5.48
N PRO B 90 8.71 33.44 -5.88
CA PRO B 90 7.29 33.74 -5.63
C PRO B 90 6.96 33.57 -4.10
N VAL B 91 6.05 34.37 -3.60
CA VAL B 91 5.61 34.36 -2.26
C VAL B 91 4.16 34.03 -2.40
N ALA B 92 3.81 32.78 -2.08
CA ALA B 92 2.53 32.26 -2.33
C ALA B 92 1.70 32.47 -1.08
N VAL B 93 0.60 33.19 -1.19
CA VAL B 93 -0.20 33.59 -0.02
C VAL B 93 -1.66 33.23 -0.11
N ASN B 94 -2.21 33.06 1.07
CA ASN B 94 -3.61 32.83 1.27
C ASN B 94 -4.51 33.86 0.65
N THR B 95 -5.60 33.36 0.06
CA THR B 95 -6.49 34.19 -0.75
C THR B 95 -7.67 34.80 0.02
N LEU B 96 -7.75 34.54 1.33
CA LEU B 96 -8.91 34.93 2.15
C LEU B 96 -8.53 36.00 3.15
N LEU B 97 -7.38 36.66 2.95
CA LEU B 97 -6.88 37.65 3.93
C LEU B 97 -7.38 39.04 3.62
N THR B 98 -7.07 39.95 4.56
CA THR B 98 -7.53 41.33 4.41
C THR B 98 -6.55 42.21 3.68
N ALA B 99 -7.01 43.40 3.33
CA ALA B 99 -6.11 44.42 2.78
C ALA B 99 -4.91 44.75 3.67
N ASP B 100 -5.15 44.83 4.96
CA ASP B 100 -4.06 45.09 5.91
C ASP B 100 -3.02 43.95 5.92
N ASP B 101 -3.54 42.71 5.89
CA ASP B 101 -2.71 41.57 5.79
C ASP B 101 -1.78 41.60 4.58
N TYR B 102 -2.36 41.88 3.41
CA TYR B 102 -1.54 41.98 2.21
C TYR B 102 -0.56 43.16 2.16
N ALA B 103 -0.95 44.25 2.76
CA ALA B 103 -0.14 45.47 2.79
C ALA B 103 1.22 45.11 3.45
N TYR B 104 1.10 44.40 4.56
CA TYR B 104 2.26 43.99 5.31
C TYR B 104 3.10 43.02 4.48
N MET B 105 2.48 42.05 3.81
CA MET B 105 3.28 41.07 3.06
C MET B 105 4.01 41.76 1.88
N LEU B 106 3.36 42.73 1.22
CA LEU B 106 4.01 43.51 0.16
C LEU B 106 5.26 44.25 0.70
N GLU B 107 5.10 44.91 1.85
CA GLU B 107 6.17 45.63 2.47
C GLU B 107 7.34 44.71 2.86
N HIS B 108 6.96 43.64 3.55
CA HIS B 108 7.97 42.74 4.17
C HIS B 108 8.71 41.94 3.08
N SER B 109 7.97 41.43 2.08
CA SER B 109 8.60 40.71 0.97
C SER B 109 9.35 41.59 -0.02
N ARG B 110 9.06 42.89 -0.02
CA ARG B 110 9.55 43.81 -1.03
C ARG B 110 9.20 43.32 -2.42
N ALA B 111 8.00 42.77 -2.57
CA ALA B 111 7.58 42.18 -3.85
C ALA B 111 7.70 43.22 -4.95
N GLN B 112 8.27 42.81 -6.05
CA GLN B 112 8.48 43.72 -7.23
C GLN B 112 7.34 43.66 -8.21
N ALA B 113 6.51 42.63 -8.10
CA ALA B 113 5.32 42.50 -8.96
C ALA B 113 4.36 41.61 -8.25
N VAL B 114 3.11 41.66 -8.66
CA VAL B 114 2.05 40.82 -8.09
C VAL B 114 1.34 40.09 -9.23
N LEU B 115 1.11 38.78 -9.04
CA LEU B 115 0.28 37.97 -9.91
C LEU B 115 -0.96 37.62 -9.12
N VAL B 116 -2.10 38.10 -9.58
CA VAL B 116 -3.34 38.17 -8.80
C VAL B 116 -4.54 37.69 -9.60
N SER B 117 -5.45 36.96 -8.96
CA SER B 117 -6.74 36.63 -9.61
C SER B 117 -7.62 37.87 -9.61
N GLY B 118 -8.37 38.07 -10.71
CA GLY B 118 -9.35 39.16 -10.78
C GLY B 118 -10.24 39.32 -9.58
N ALA B 119 -10.77 38.21 -9.07
CA ALA B 119 -11.64 38.27 -7.92
C ALA B 119 -10.97 38.85 -6.68
N LEU B 120 -9.65 38.80 -6.64
CA LEU B 120 -8.87 39.34 -5.50
C LEU B 120 -8.26 40.71 -5.78
N HIS B 121 -8.60 41.31 -6.92
CA HIS B 121 -8.06 42.59 -7.24
C HIS B 121 -8.53 43.70 -6.31
N PRO B 122 -9.81 43.74 -5.85
CA PRO B 122 -10.22 44.81 -4.96
C PRO B 122 -9.38 44.84 -3.65
N VAL B 123 -9.20 43.67 -3.06
CA VAL B 123 -8.43 43.65 -1.79
C VAL B 123 -6.97 44.00 -1.99
N LEU B 124 -6.38 43.56 -3.12
CA LEU B 124 -5.02 43.94 -3.49
C LEU B 124 -4.90 45.45 -3.78
N LYS B 125 -5.88 46.02 -4.51
CA LYS B 125 -5.88 47.47 -4.70
C LYS B 125 -5.84 48.25 -3.39
N ALA B 126 -6.65 47.84 -2.40
CA ALA B 126 -6.63 48.50 -1.12
C ALA B 126 -5.25 48.37 -0.45
N ALA B 127 -4.65 47.18 -0.54
CA ALA B 127 -3.35 46.96 0.04
C ALA B 127 -2.30 47.83 -0.64
N LEU B 128 -2.35 47.94 -1.99
CA LEU B 128 -1.36 48.76 -2.71
C LEU B 128 -1.50 50.25 -2.36
N THR B 129 -2.74 50.70 -2.15
CA THR B 129 -2.99 52.10 -1.82
C THR B 129 -2.42 52.50 -0.49
N LYS B 130 -2.47 51.61 0.51
CA LYS B 130 -2.16 52.05 1.86
C LYS B 130 -0.72 51.71 2.22
N SER B 131 -0.04 50.97 1.39
CA SER B 131 1.24 50.40 1.83
C SER B 131 2.48 51.08 1.25
N ASP B 132 3.60 50.93 1.93
CA ASP B 132 4.91 51.40 1.37
C ASP B 132 5.54 50.26 0.56
N HIS B 133 4.91 49.93 -0.55
CA HIS B 133 5.28 48.75 -1.30
C HIS B 133 6.28 49.15 -2.40
N GLU B 134 6.84 48.16 -3.08
CA GLU B 134 7.70 48.31 -4.25
C GLU B 134 7.18 47.67 -5.53
N VAL B 135 5.89 47.51 -5.67
CA VAL B 135 5.31 46.74 -6.81
C VAL B 135 5.39 47.64 -8.03
N GLN B 136 6.00 47.13 -9.10
CA GLN B 136 6.14 47.85 -10.38
C GLN B 136 4.99 47.50 -11.31
N ARG B 137 4.47 46.25 -11.27
CA ARG B 137 3.46 45.78 -12.23
C ARG B 137 2.56 44.78 -11.54
N VAL B 138 1.30 44.77 -11.94
CA VAL B 138 0.28 43.84 -11.47
C VAL B 138 -0.21 43.08 -12.70
N ILE B 139 -0.05 41.76 -12.63
CA ILE B 139 -0.53 40.80 -13.64
C ILE B 139 -1.78 40.15 -13.17
N VAL B 140 -2.88 40.35 -13.90
CA VAL B 140 -4.18 39.95 -13.44
C VAL B 140 -4.69 38.76 -14.24
N SER B 141 -4.83 37.65 -13.53
CA SER B 141 -5.42 36.44 -14.08
C SER B 141 -6.91 36.47 -13.94
N ARG B 142 -7.61 36.35 -15.09
CA ARG B 142 -9.06 36.47 -15.22
C ARG B 142 -9.57 37.76 -14.57
N PRO B 143 -9.25 38.89 -15.19
CA PRO B 143 -9.78 40.17 -14.64
C PRO B 143 -11.33 40.22 -14.54
N ALA B 144 -11.86 40.81 -13.45
CA ALA B 144 -13.27 40.97 -13.17
C ALA B 144 -13.69 42.44 -13.10
N ALA B 145 -12.84 43.30 -13.59
CA ALA B 145 -13.09 44.75 -13.65
C ALA B 145 -12.01 45.34 -14.58
N PRO B 146 -12.22 46.58 -15.11
CA PRO B 146 -11.27 47.21 -16.02
C PRO B 146 -9.87 47.28 -15.45
N LEU B 147 -8.88 47.03 -16.29
CA LEU B 147 -7.46 47.14 -15.91
C LEU B 147 -7.05 48.58 -15.65
N GLU B 148 -6.24 48.79 -14.60
CA GLU B 148 -5.71 50.10 -14.30
C GLU B 148 -4.32 50.25 -14.96
N PRO B 149 -3.77 51.47 -14.96
CA PRO B 149 -2.50 51.61 -15.62
C PRO B 149 -1.43 50.84 -14.87
N GLY B 150 -0.53 50.14 -15.59
CA GLY B 150 0.44 49.25 -14.93
C GLY B 150 -0.06 47.80 -14.79
N GLU B 151 -1.33 47.55 -15.08
CA GLU B 151 -1.84 46.22 -14.92
C GLU B 151 -1.92 45.59 -16.30
N VAL B 152 -1.74 44.27 -16.37
CA VAL B 152 -1.89 43.57 -17.63
C VAL B 152 -2.57 42.25 -17.42
N ASP B 153 -3.39 41.85 -18.37
CA ASP B 153 -3.95 40.49 -18.35
C ASP B 153 -2.88 39.40 -18.40
N PHE B 154 -3.07 38.38 -17.59
CA PHE B 154 -2.08 37.32 -17.41
C PHE B 154 -1.87 36.59 -18.74
N ALA B 155 -2.92 36.28 -19.46
CA ALA B 155 -2.69 35.59 -20.76
C ALA B 155 -1.96 36.46 -21.77
N GLU B 156 -2.31 37.75 -21.82
CA GLU B 156 -1.57 38.70 -22.66
C GLU B 156 -0.13 38.81 -22.31
N PHE B 157 0.19 38.83 -21.01
CA PHE B 157 1.53 38.93 -20.56
C PHE B 157 2.39 37.74 -20.94
N VAL B 158 1.85 36.53 -20.67
CA VAL B 158 2.55 35.30 -21.03
C VAL B 158 2.67 35.23 -22.58
N GLY B 159 1.60 35.55 -23.27
CA GLY B 159 1.58 35.48 -24.77
C GLY B 159 2.49 36.46 -25.48
N ALA B 160 2.99 37.45 -24.77
CA ALA B 160 3.80 38.53 -25.36
C ALA B 160 5.26 38.23 -25.37
N HIS B 161 5.70 37.06 -24.86
CA HIS B 161 7.10 36.79 -24.67
C HIS B 161 7.37 35.37 -25.11
N ALA B 162 8.51 35.18 -25.76
CA ALA B 162 8.96 33.85 -26.17
C ALA B 162 9.54 33.16 -24.94
N PRO B 163 9.67 31.82 -24.99
CA PRO B 163 10.18 31.14 -23.76
C PRO B 163 11.56 31.49 -23.46
N LEU B 164 11.88 31.67 -22.17
CA LEU B 164 13.22 31.88 -21.71
C LEU B 164 14.04 30.61 -22.06
N GLU B 165 15.25 30.82 -22.55
CA GLU B 165 15.99 29.75 -23.22
C GLU B 165 16.48 28.72 -22.22
N LYS B 166 16.91 29.18 -21.03
CA LYS B 166 17.58 28.39 -20.02
C LYS B 166 17.04 28.93 -18.66
N PRO B 167 16.91 28.05 -17.67
CA PRO B 167 16.54 28.58 -16.34
C PRO B 167 17.70 29.32 -15.71
N ALA B 168 17.41 30.12 -14.70
CA ALA B 168 18.47 30.66 -13.88
C ALA B 168 19.31 29.54 -13.33
N ALA B 169 20.62 29.79 -13.22
CA ALA B 169 21.57 28.79 -12.72
C ALA B 169 21.60 28.77 -11.21
N THR B 170 20.47 28.41 -10.60
CA THR B 170 20.35 28.32 -9.15
C THR B 170 21.05 27.12 -8.53
N GLN B 171 21.35 27.24 -7.24
CA GLN B 171 21.86 26.18 -6.46
C GLN B 171 20.70 25.49 -5.71
N ALA B 172 20.87 24.24 -5.38
CA ALA B 172 19.88 23.45 -4.62
C ALA B 172 19.48 24.16 -3.33
N ASP B 173 20.44 24.78 -2.65
CA ASP B 173 20.20 25.44 -1.38
C ASP B 173 19.86 26.93 -1.49
N ASP B 174 19.69 27.45 -2.70
CA ASP B 174 19.27 28.83 -2.87
C ASP B 174 17.76 28.90 -2.52
N PRO B 175 17.31 30.02 -1.95
CA PRO B 175 15.86 30.27 -1.80
C PRO B 175 15.16 30.13 -3.13
N ALA B 176 14.01 29.49 -3.10
CA ALA B 176 13.18 29.27 -4.28
C ALA B 176 11.82 29.90 -4.14
N PHE B 177 11.23 29.85 -2.94
CA PHE B 177 9.91 30.45 -2.76
C PHE B 177 9.65 30.66 -1.25
N TRP B 178 8.64 31.48 -0.93
CA TRP B 178 8.23 31.73 0.45
C TRP B 178 6.78 31.33 0.63
N LEU B 179 6.46 30.95 1.88
CA LEU B 179 5.10 30.88 2.38
C LEU B 179 5.07 31.66 3.68
N TYR B 180 3.90 32.17 4.10
CA TYR B 180 3.80 32.89 5.37
C TYR B 180 3.20 32.01 6.42
N SER B 181 3.70 32.07 7.65
CA SER B 181 3.22 31.31 8.76
C SER B 181 2.81 32.23 9.91
N SER B 182 1.58 32.16 10.37
CA SER B 182 1.09 32.95 11.47
C SER B 182 1.53 32.41 12.80
N GLY B 183 1.77 33.28 13.76
CA GLY B 183 2.16 32.90 15.15
C GLY B 183 1.16 33.44 16.14
N SER B 184 1.37 33.27 17.47
CA SER B 184 0.25 33.68 18.35
C SER B 184 0.17 35.21 18.48
N THR B 185 1.33 35.88 18.39
CA THR B 185 1.39 37.32 18.33
C THR B 185 2.42 37.73 17.27
N GLY B 186 2.39 38.99 16.92
CA GLY B 186 3.37 39.47 15.95
C GLY B 186 3.00 39.22 14.52
N ARG B 187 3.85 39.78 13.63
CA ARG B 187 3.56 39.62 12.21
C ARG B 187 3.63 38.15 11.74
N PRO B 188 2.96 37.82 10.63
CA PRO B 188 3.20 36.46 10.08
C PRO B 188 4.66 36.38 9.55
N LYS B 189 5.22 35.19 9.54
CA LYS B 189 6.64 35.00 9.33
C LYS B 189 6.88 34.48 7.94
N GLY B 190 7.85 35.07 7.27
CA GLY B 190 8.16 34.70 5.89
C GLY B 190 9.08 33.47 5.89
N VAL B 191 8.49 32.30 5.64
CA VAL B 191 9.21 31.04 5.64
C VAL B 191 9.89 30.80 4.31
N VAL B 192 11.19 30.75 4.35
CA VAL B 192 12.07 30.60 3.14
C VAL B 192 12.40 29.15 2.81
N HIS B 193 11.88 28.71 1.69
CA HIS B 193 12.16 27.35 1.16
C HIS B 193 13.14 27.41 -0.02
N THR B 194 13.99 26.39 -0.04
CA THR B 194 14.99 26.23 -1.07
C THR B 194 14.47 25.40 -2.30
N HIS B 195 15.26 25.36 -3.39
CA HIS B 195 14.99 24.52 -4.53
C HIS B 195 14.93 23.04 -4.13
N ALA B 196 15.80 22.63 -3.22
CA ALA B 196 15.90 21.20 -2.79
C ALA B 196 14.65 20.78 -2.01
N ASN B 197 14.10 21.69 -1.23
CA ASN B 197 13.02 21.31 -0.25
C ASN B 197 11.85 20.57 -0.88
N PRO B 198 11.27 21.10 -1.97
CA PRO B 198 10.10 20.38 -2.56
C PRO B 198 10.49 19.13 -3.32
N TYR B 199 11.78 19.04 -3.74
CA TYR B 199 12.27 17.74 -4.23
C TYR B 199 12.22 16.70 -3.10
N TRP B 200 12.75 17.03 -1.94
CA TRP B 200 12.67 16.07 -0.88
C TRP B 200 11.25 15.64 -0.44
N THR B 201 10.36 16.59 -0.23
CA THR B 201 8.94 16.24 0.11
C THR B 201 8.32 15.36 -0.96
N SER B 202 8.53 15.70 -2.21
CA SER B 202 7.86 14.98 -3.29
C SER B 202 8.38 13.55 -3.45
N GLU B 203 9.66 13.35 -3.12
CA GLU B 203 10.31 12.00 -3.21
C GLU B 203 10.01 11.17 -1.96
N LEU B 204 10.19 11.78 -0.80
CA LEU B 204 10.06 11.07 0.46
C LEU B 204 8.59 10.77 0.83
N TYR B 205 7.69 11.70 0.49
CA TYR B 205 6.28 11.57 0.84
C TYR B 205 5.39 11.24 -0.36
N GLY B 206 5.34 12.12 -1.34
CA GLY B 206 4.54 11.89 -2.52
C GLY B 206 4.80 10.57 -3.22
N ARG B 207 6.07 10.27 -3.51
CA ARG B 207 6.40 9.02 -4.18
C ARG B 207 6.51 7.89 -3.18
N ASN B 208 7.36 8.04 -2.18
CA ASN B 208 7.77 6.90 -1.39
C ASN B 208 6.84 6.53 -0.27
N THR B 209 5.95 7.43 0.14
CA THR B 209 4.95 7.09 1.15
C THR B 209 3.54 6.89 0.60
N LEU B 210 3.03 7.87 -0.19
CA LEU B 210 1.75 7.72 -0.82
C LEU B 210 1.76 6.85 -2.07
N HIS B 211 2.91 6.64 -2.69
CA HIS B 211 2.99 5.90 -3.94
C HIS B 211 2.15 6.49 -5.04
N LEU B 212 2.18 7.82 -5.15
CA LEU B 212 1.53 8.46 -6.31
C LEU B 212 2.14 7.98 -7.58
N ARG B 213 1.33 7.82 -8.60
CA ARG B 213 1.81 7.33 -9.87
C ARG B 213 1.24 8.08 -11.07
N GLU B 214 1.87 7.87 -12.24
CA GLU B 214 1.55 8.60 -13.44
C GLU B 214 0.07 8.54 -13.78
N ASP B 215 -0.58 7.42 -13.54
CA ASP B 215 -1.99 7.34 -13.88
C ASP B 215 -2.98 7.89 -12.87
N ASP B 216 -2.49 8.48 -11.79
CA ASP B 216 -3.37 9.14 -10.88
C ASP B 216 -3.97 10.44 -11.40
N VAL B 217 -5.10 10.80 -10.82
CA VAL B 217 -5.70 12.11 -10.99
C VAL B 217 -5.81 12.69 -9.55
N CYS B 218 -5.06 13.77 -9.27
CA CYS B 218 -4.95 14.33 -7.93
C CYS B 218 -5.93 15.50 -7.77
N PHE B 219 -6.60 15.56 -6.62
CA PHE B 219 -7.54 16.66 -6.33
C PHE B 219 -7.48 16.96 -4.84
N SER B 220 -7.08 18.21 -4.52
CA SER B 220 -6.85 18.61 -3.14
C SER B 220 -7.84 19.70 -2.76
N ALA B 221 -8.59 19.49 -1.70
CA ALA B 221 -9.48 20.56 -1.19
C ALA B 221 -8.61 21.71 -0.60
N ALA B 222 -7.41 21.32 -0.12
CA ALA B 222 -6.44 22.29 0.28
C ALA B 222 -5.85 23.01 -0.90
N LYS B 223 -5.94 24.35 -0.87
CA LYS B 223 -5.54 25.17 -1.97
C LYS B 223 -4.01 25.15 -2.11
N LEU B 224 -3.54 25.59 -3.30
CA LEU B 224 -2.12 25.56 -3.63
C LEU B 224 -1.22 26.44 -2.74
N PHE B 225 -1.79 27.50 -2.17
CA PHE B 225 -1.01 28.36 -1.32
C PHE B 225 -0.67 27.68 0.03
N PHE B 226 -1.43 26.66 0.40
CA PHE B 226 -1.12 25.93 1.62
C PHE B 226 0.07 25.01 1.35
N ALA B 227 1.00 24.92 2.28
CA ALA B 227 2.08 23.94 2.12
C ALA B 227 1.54 22.56 1.77
N TYR B 228 0.52 22.12 2.50
CA TYR B 228 -0.09 20.83 2.22
C TYR B 228 -0.58 20.75 0.74
N GLY B 229 -1.36 21.73 0.28
CA GLY B 229 -1.88 21.66 -1.08
C GLY B 229 -0.84 21.85 -2.14
N LEU B 230 0.16 22.65 -1.86
CA LEU B 230 1.25 22.83 -2.84
C LEU B 230 1.96 21.50 -3.21
N GLY B 231 2.14 20.64 -2.20
CA GLY B 231 2.61 19.30 -2.48
C GLY B 231 1.57 18.49 -3.18
N ASN B 232 0.39 18.40 -2.57
CA ASN B 232 -0.65 17.54 -3.05
C ASN B 232 -0.99 17.70 -4.54
N ALA B 233 -1.03 18.95 -5.01
CA ALA B 233 -1.69 19.27 -6.28
C ALA B 233 -0.70 20.02 -7.17
N LEU B 234 0.55 20.05 -6.77
CA LEU B 234 1.57 20.57 -7.66
C LEU B 234 2.86 19.76 -7.65
N THR B 235 3.61 19.81 -6.56
CA THR B 235 4.92 19.20 -6.61
C THR B 235 4.91 17.66 -6.66
N PHE B 236 3.98 17.06 -5.95
CA PHE B 236 3.77 15.63 -5.94
C PHE B 236 3.35 15.09 -7.35
N PRO B 237 2.22 15.58 -7.92
CA PRO B 237 1.82 15.03 -9.19
C PRO B 237 2.81 15.30 -10.32
N MET B 238 3.45 16.46 -10.33
N MET B 238 3.47 16.47 -10.32
CA MET B 238 4.37 16.71 -11.40
CA MET B 238 4.49 16.81 -11.35
C MET B 238 5.61 15.78 -11.30
C MET B 238 5.73 15.91 -11.27
N THR B 239 5.99 15.40 -10.07
CA THR B 239 7.14 14.54 -9.83
C THR B 239 6.91 13.16 -10.49
N VAL B 240 5.66 12.68 -10.53
CA VAL B 240 5.35 11.35 -11.06
C VAL B 240 4.61 11.35 -12.42
N GLY B 241 4.21 12.53 -12.88
CA GLY B 241 3.50 12.67 -14.15
C GLY B 241 2.00 12.49 -14.02
N ALA B 242 1.47 12.58 -12.80
CA ALA B 242 0.05 12.50 -12.62
C ALA B 242 -0.67 13.77 -13.16
N THR B 243 -1.92 13.59 -13.46
CA THR B 243 -2.81 14.67 -13.82
C THR B 243 -3.48 15.29 -12.56
N THR B 244 -3.57 16.61 -12.53
CA THR B 244 -4.13 17.35 -11.41
C THR B 244 -5.39 18.18 -11.78
N LEU B 245 -6.47 17.99 -11.03
CA LEU B 245 -7.68 18.76 -11.10
C LEU B 245 -7.57 19.90 -10.06
N LEU B 246 -7.78 21.11 -10.54
CA LEU B 246 -7.86 22.32 -9.70
C LEU B 246 -9.28 22.91 -9.71
N MET B 247 -9.64 23.53 -8.59
CA MET B 247 -10.93 24.16 -8.41
C MET B 247 -10.72 25.54 -7.73
N GLY B 248 -11.15 26.61 -8.38
CA GLY B 248 -11.18 27.94 -7.74
C GLY B 248 -12.07 28.20 -6.53
N GLU B 249 -13.28 27.63 -6.56
CA GLU B 249 -14.28 27.96 -5.57
C GLU B 249 -14.01 27.32 -4.22
N ARG B 250 -14.72 27.81 -3.24
CA ARG B 250 -14.71 27.23 -1.92
C ARG B 250 -15.05 25.70 -1.93
N PRO B 251 -14.26 24.90 -1.19
CA PRO B 251 -14.44 23.47 -1.18
C PRO B 251 -15.54 22.93 -0.28
N THR B 252 -16.78 23.21 -0.64
CA THR B 252 -17.89 22.61 0.10
C THR B 252 -18.08 21.13 -0.30
N PRO B 253 -18.89 20.36 0.48
CA PRO B 253 -19.18 18.99 0.06
C PRO B 253 -19.73 18.90 -1.35
N ASP B 254 -20.76 19.67 -1.73
CA ASP B 254 -21.24 19.57 -3.12
C ASP B 254 -20.16 19.86 -4.14
N ALA B 255 -19.29 20.84 -3.87
CA ALA B 255 -18.32 21.21 -4.91
C ALA B 255 -17.35 20.03 -5.09
N VAL B 256 -16.97 19.46 -3.93
CA VAL B 256 -16.01 18.31 -3.91
C VAL B 256 -16.65 17.12 -4.63
N PHE B 257 -17.88 16.81 -4.23
CA PHE B 257 -18.61 15.66 -4.82
C PHE B 257 -18.75 15.79 -6.35
N LYS B 258 -19.10 16.97 -6.83
CA LYS B 258 -19.14 17.21 -8.25
C LYS B 258 -17.87 16.75 -8.95
N ARG B 259 -16.73 17.07 -8.35
CA ARG B 259 -15.45 16.69 -8.98
C ARG B 259 -15.14 15.19 -8.83
N TRP B 260 -15.44 14.63 -7.66
CA TRP B 260 -15.26 13.18 -7.43
C TRP B 260 -16.03 12.36 -8.50
N LEU B 261 -17.18 12.88 -8.92
CA LEU B 261 -18.09 12.20 -9.85
C LEU B 261 -17.71 12.46 -11.28
N GLY B 262 -16.69 13.27 -11.58
CA GLY B 262 -16.29 13.46 -12.96
C GLY B 262 -17.00 14.59 -13.66
N GLY B 263 -17.60 15.47 -12.86
CA GLY B 263 -18.20 16.70 -13.34
C GLY B 263 -17.32 17.70 -14.02
N VAL B 264 -15.99 17.67 -13.82
CA VAL B 264 -15.13 18.60 -14.49
C VAL B 264 -14.03 17.87 -15.27
N GLY B 265 -13.82 18.35 -16.47
CA GLY B 265 -12.66 17.95 -17.26
C GLY B 265 -12.70 16.53 -17.78
N GLY B 266 -13.82 15.84 -17.60
CA GLY B 266 -13.93 14.45 -17.97
C GLY B 266 -12.98 13.52 -17.18
N VAL B 267 -12.73 13.84 -15.90
CA VAL B 267 -11.74 13.10 -15.08
C VAL B 267 -12.33 12.92 -13.72
N LYS B 268 -12.19 11.71 -13.21
CA LYS B 268 -12.53 11.38 -11.87
C LYS B 268 -11.20 11.28 -11.08
N PRO B 269 -11.07 12.10 -10.04
CA PRO B 269 -9.95 11.93 -9.13
C PRO B 269 -9.79 10.49 -8.60
N THR B 270 -8.53 10.07 -8.51
CA THR B 270 -8.14 8.85 -7.83
C THR B 270 -7.54 9.10 -6.47
N VAL B 271 -7.05 10.34 -6.29
CA VAL B 271 -6.41 10.69 -5.03
C VAL B 271 -7.01 12.03 -4.52
N PHE B 272 -7.57 12.02 -3.29
CA PHE B 272 -8.16 13.18 -2.68
C PHE B 272 -7.38 13.53 -1.45
N TYR B 273 -7.33 14.84 -1.18
CA TYR B 273 -6.64 15.35 0.01
C TYR B 273 -7.48 16.45 0.66
N GLY B 274 -7.55 16.49 1.98
CA GLY B 274 -8.27 17.58 2.63
C GLY B 274 -8.19 17.49 4.14
N ALA B 275 -8.75 18.48 4.83
CA ALA B 275 -8.73 18.54 6.25
C ALA B 275 -9.83 17.61 6.81
N PRO B 276 -9.62 17.09 8.03
CA PRO B 276 -10.68 16.34 8.76
C PRO B 276 -12.02 17.05 8.78
N THR B 277 -11.99 18.40 8.90
CA THR B 277 -13.21 19.18 8.84
C THR B 277 -14.05 18.91 7.62
N GLY B 278 -13.38 18.88 6.47
CA GLY B 278 -14.04 18.61 5.21
C GLY B 278 -14.58 17.18 5.15
N TYR B 279 -13.83 16.23 5.67
CA TYR B 279 -14.26 14.83 5.66
C TYR B 279 -15.52 14.66 6.58
N ALA B 280 -15.55 15.31 7.72
CA ALA B 280 -16.78 15.31 8.60
C ALA B 280 -18.00 15.92 7.88
N GLY B 281 -17.78 17.01 7.14
CA GLY B 281 -18.83 17.68 6.43
C GLY B 281 -19.38 16.80 5.33
N MET B 282 -18.46 16.15 4.60
CA MET B 282 -18.86 15.23 3.59
C MET B 282 -19.59 13.99 4.19
N LEU B 283 -19.13 13.43 5.27
CA LEU B 283 -19.76 12.22 5.76
C LEU B 283 -21.17 12.55 6.25
N ALA B 284 -21.41 13.80 6.63
CA ALA B 284 -22.71 14.23 7.21
C ALA B 284 -23.65 14.58 6.08
N ALA B 285 -23.16 14.66 4.86
CA ALA B 285 -23.97 15.13 3.75
C ALA B 285 -24.92 14.03 3.22
N PRO B 286 -26.23 14.37 3.05
CA PRO B 286 -27.19 13.37 2.56
C PRO B 286 -26.86 12.82 1.21
N ASN B 287 -26.27 13.66 0.34
CA ASN B 287 -25.84 13.31 -0.99
C ASN B 287 -24.34 12.78 -1.13
N LEU B 288 -23.77 12.35 -0.03
CA LEU B 288 -22.49 11.66 -0.03
C LEU B 288 -22.51 10.58 -1.11
N PRO B 289 -21.58 10.62 -2.11
CA PRO B 289 -21.56 9.55 -3.12
C PRO B 289 -21.35 8.15 -2.57
N SER B 290 -21.85 7.15 -3.33
CA SER B 290 -21.55 5.77 -2.99
C SER B 290 -20.23 5.38 -3.63
N ARG B 291 -19.63 4.32 -3.08
CA ARG B 291 -18.40 3.73 -3.60
C ARG B 291 -18.35 3.54 -5.08
N ASP B 292 -19.42 2.99 -5.66
CA ASP B 292 -19.41 2.65 -7.08
C ASP B 292 -19.48 3.86 -7.96
N GLN B 293 -19.69 5.05 -7.37
CA GLN B 293 -19.71 6.25 -8.20
C GLN B 293 -18.38 6.99 -8.32
N VAL B 294 -17.45 6.68 -7.43
CA VAL B 294 -16.13 7.40 -7.41
C VAL B 294 -15.00 6.48 -7.83
N ALA B 295 -13.87 7.09 -8.17
CA ALA B 295 -12.67 6.36 -8.60
C ALA B 295 -11.57 6.50 -7.56
N LEU B 296 -11.93 6.99 -6.39
CA LEU B 296 -10.95 7.19 -5.34
C LEU B 296 -10.21 5.92 -4.97
N ARG B 297 -8.88 5.96 -4.93
CA ARG B 297 -8.06 4.89 -4.39
C ARG B 297 -7.28 5.24 -3.15
N LEU B 298 -7.23 6.54 -2.84
CA LEU B 298 -6.44 7.02 -1.73
C LEU B 298 -7.01 8.33 -1.21
N ALA B 299 -7.14 8.41 0.08
CA ALA B 299 -7.69 9.61 0.73
C ALA B 299 -6.70 10.07 1.80
N SER B 300 -6.13 11.24 1.60
CA SER B 300 -5.13 11.87 2.50
C SER B 300 -5.82 12.94 3.34
N SER B 301 -5.36 13.11 4.58
CA SER B 301 -5.85 14.08 5.51
C SER B 301 -4.65 14.72 6.20
N ALA B 302 -4.67 16.02 6.38
CA ALA B 302 -3.77 16.75 7.27
C ALA B 302 -4.42 18.04 7.65
N GLY B 303 -3.75 18.81 8.47
CA GLY B 303 -4.28 20.16 8.80
C GLY B 303 -4.88 20.24 10.22
N GLU B 304 -5.23 19.10 10.78
CA GLU B 304 -5.64 18.98 12.17
C GLU B 304 -5.63 17.49 12.49
N ALA B 305 -5.65 17.13 13.80
CA ALA B 305 -5.73 15.71 14.16
C ALA B 305 -7.06 15.12 13.65
N LEU B 306 -7.01 13.90 13.12
CA LEU B 306 -8.17 13.23 12.62
C LEU B 306 -8.86 12.45 13.75
N PRO B 307 -10.10 12.88 14.14
CA PRO B 307 -10.88 11.99 15.08
C PRO B 307 -11.06 10.58 14.50
N ALA B 308 -10.76 9.59 15.31
CA ALA B 308 -10.90 8.20 14.90
C ALA B 308 -12.26 7.88 14.28
N GLU B 309 -13.32 8.43 14.84
CA GLU B 309 -14.66 8.19 14.38
C GLU B 309 -14.83 8.63 12.95
N ILE B 310 -14.18 9.74 12.56
CA ILE B 310 -14.29 10.17 11.18
C ILE B 310 -13.60 9.17 10.22
N GLY B 311 -12.36 8.75 10.50
CA GLY B 311 -11.72 7.76 9.64
C GLY B 311 -12.50 6.46 9.59
N GLN B 312 -12.95 5.99 10.74
CA GLN B 312 -13.73 4.72 10.82
C GLN B 312 -15.00 4.83 9.99
N ARG B 313 -15.75 5.95 10.07
CA ARG B 313 -16.96 6.10 9.23
C ARG B 313 -16.67 6.20 7.77
N PHE B 314 -15.56 6.87 7.38
CA PHE B 314 -15.20 6.96 6.00
C PHE B 314 -14.87 5.57 5.50
N GLN B 315 -14.19 4.77 6.31
CA GLN B 315 -13.82 3.44 5.86
C GLN B 315 -15.05 2.51 5.73
N ARG B 316 -15.97 2.59 6.70
CA ARG B 316 -17.20 1.81 6.68
C ARG B 316 -17.94 2.14 5.39
N HIS B 317 -17.97 3.41 4.99
CA HIS B 317 -18.75 3.79 3.86
C HIS B 317 -18.08 3.53 2.52
N PHE B 318 -16.79 3.86 2.41
CA PHE B 318 -16.07 3.78 1.15
C PHE B 318 -15.19 2.53 0.96
N GLY B 319 -14.95 1.76 2.00
CA GLY B 319 -13.87 0.77 2.03
C GLY B 319 -12.51 1.34 1.68
N LEU B 320 -12.29 2.63 2.02
CA LEU B 320 -10.97 3.31 1.92
C LEU B 320 -10.73 3.88 3.29
N ASP B 321 -9.49 3.79 3.77
CA ASP B 321 -9.07 4.50 4.97
C ASP B 321 -8.75 5.96 4.62
N ILE B 322 -8.75 6.81 5.64
CA ILE B 322 -8.23 8.18 5.46
C ILE B 322 -6.80 8.02 6.04
N VAL B 323 -5.79 8.42 5.25
CA VAL B 323 -4.42 8.39 5.65
C VAL B 323 -4.01 9.77 6.21
N ASP B 324 -3.98 9.85 7.55
CA ASP B 324 -3.71 11.09 8.27
C ASP B 324 -2.20 11.23 8.53
N GLY B 325 -1.65 12.38 8.21
CA GLY B 325 -0.31 12.75 8.57
C GLY B 325 -0.25 14.22 9.02
N ILE B 326 0.89 14.60 9.61
CA ILE B 326 1.14 15.98 9.97
C ILE B 326 2.42 16.49 9.30
N GLY B 327 2.27 17.68 8.74
CA GLY B 327 3.37 18.45 8.27
C GLY B 327 3.35 19.84 8.86
N SER B 328 4.18 20.74 8.34
CA SER B 328 4.12 22.19 8.78
C SER B 328 4.60 23.02 7.67
N THR B 329 4.23 24.30 7.75
CA THR B 329 4.80 25.21 6.80
C THR B 329 6.33 25.17 6.76
N GLU B 330 6.93 25.12 7.96
CA GLU B 330 8.38 25.17 8.10
C GLU B 330 9.08 23.90 7.55
N MET B 331 8.43 22.73 7.67
CA MET B 331 9.00 21.47 7.15
C MET B 331 8.52 21.15 5.70
N LEU B 332 7.62 22.01 5.21
CA LEU B 332 7.06 22.01 3.82
C LEU B 332 6.00 20.94 3.54
N HIS B 333 6.19 19.71 4.03
CA HIS B 333 5.13 18.73 3.94
C HIS B 333 5.22 17.74 5.10
N ILE B 334 4.60 16.57 4.91
CA ILE B 334 4.34 15.66 6.05
C ILE B 334 5.61 14.87 6.44
N PHE B 335 5.84 14.81 7.74
CA PHE B 335 7.00 14.10 8.30
C PHE B 335 6.64 13.00 9.28
N LEU B 336 5.36 12.91 9.67
CA LEU B 336 4.82 11.90 10.57
C LEU B 336 3.46 11.48 9.98
N SER B 337 3.30 10.19 9.65
CA SER B 337 2.15 9.80 8.88
C SER B 337 1.75 8.34 9.03
N ASN B 338 0.45 8.10 8.94
CA ASN B 338 -0.04 6.78 8.64
C ASN B 338 0.35 6.42 7.20
N LEU B 339 0.30 5.13 6.86
N LEU B 339 0.18 5.13 6.86
CA LEU B 339 0.65 4.68 5.52
CA LEU B 339 0.52 4.60 5.56
C LEU B 339 -0.63 4.21 4.84
C LEU B 339 -0.74 4.22 4.84
N PRO B 340 -0.68 4.22 3.50
CA PRO B 340 -1.85 3.78 2.74
C PRO B 340 -2.39 2.41 3.20
N ASP B 341 -1.49 1.49 3.56
CA ASP B 341 -1.88 0.15 3.98
C ASP B 341 -1.59 -0.13 5.47
N ARG B 342 -1.27 0.90 6.22
CA ARG B 342 -1.10 0.78 7.71
C ARG B 342 -1.60 2.06 8.39
N VAL B 343 -2.85 1.99 8.83
CA VAL B 343 -3.50 3.12 9.45
C VAL B 343 -3.87 2.72 10.88
N ARG B 344 -3.50 3.56 11.82
CA ARG B 344 -3.98 3.48 13.18
C ARG B 344 -4.69 4.77 13.60
N TYR B 345 -6.01 4.68 13.62
CA TYR B 345 -6.83 5.81 13.97
C TYR B 345 -6.62 6.15 15.45
N GLY B 346 -6.69 7.45 15.74
CA GLY B 346 -6.29 7.97 17.04
C GLY B 346 -4.82 8.33 17.12
N THR B 347 -4.10 8.13 16.01
CA THR B 347 -2.68 8.44 15.98
C THR B 347 -2.39 9.04 14.60
N THR B 348 -1.25 9.75 14.53
CA THR B 348 -0.77 10.30 13.27
C THR B 348 0.31 9.38 12.67
N GLY B 349 0.31 8.12 13.10
CA GLY B 349 1.18 7.16 12.55
C GLY B 349 2.63 7.32 12.93
N TRP B 350 3.53 7.12 11.95
CA TRP B 350 4.97 6.85 12.21
C TRP B 350 5.85 7.83 11.46
N PRO B 351 7.13 8.01 11.89
CA PRO B 351 7.98 8.93 11.14
C PRO B 351 8.07 8.56 9.73
N VAL B 352 8.09 9.56 8.85
CA VAL B 352 8.34 9.33 7.42
C VAL B 352 9.84 9.05 7.21
N PRO B 353 10.20 7.92 6.55
CA PRO B 353 11.60 7.65 6.31
C PRO B 353 12.30 8.87 5.66
N GLY B 354 13.44 9.27 6.22
CA GLY B 354 14.12 10.48 5.78
C GLY B 354 14.01 11.61 6.76
N TYR B 355 13.07 11.50 7.69
CA TYR B 355 12.87 12.48 8.77
C TYR B 355 13.11 11.83 10.12
N GLN B 356 13.86 12.51 10.97
CA GLN B 356 14.00 12.09 12.35
C GLN B 356 13.16 12.94 13.26
N ILE B 357 12.60 12.32 14.27
CA ILE B 357 11.62 12.95 15.13
C ILE B 357 12.14 12.84 16.59
N GLU B 358 12.06 13.90 17.40
CA GLU B 358 12.38 13.87 18.84
C GLU B 358 11.29 14.50 19.61
N LEU B 359 10.92 13.91 20.74
CA LEU B 359 10.08 14.57 21.73
C LEU B 359 10.96 15.04 22.90
N ARG B 360 10.79 16.29 23.35
CA ARG B 360 11.67 16.82 24.40
C ARG B 360 10.82 17.41 25.52
N GLY B 361 11.19 17.12 26.77
CA GLY B 361 10.46 17.55 27.93
C GLY B 361 11.02 18.89 28.40
N ASP B 362 10.56 19.33 29.57
CA ASP B 362 10.90 20.68 30.10
C ASP B 362 12.42 21.02 30.11
N GLY B 363 13.27 20.07 30.45
CA GLY B 363 14.71 20.35 30.48
C GLY B 363 15.44 20.23 29.16
N GLY B 364 14.73 19.89 28.09
CA GLY B 364 15.38 19.58 26.83
C GLY B 364 15.65 18.09 26.67
N GLY B 365 15.39 17.31 27.71
CA GLY B 365 15.69 15.89 27.69
C GLY B 365 14.54 15.06 27.11
N PRO B 366 14.71 13.74 27.07
CA PRO B 366 13.76 12.83 26.43
C PRO B 366 12.63 12.61 27.38
N VAL B 367 11.53 12.03 26.87
CA VAL B 367 10.33 11.74 27.68
C VAL B 367 10.00 10.31 27.50
N ALA B 368 9.37 9.70 28.52
CA ALA B 368 8.95 8.33 28.49
C ALA B 368 7.81 8.16 27.50
N ASP B 369 7.77 6.98 26.90
CA ASP B 369 6.67 6.59 26.05
C ASP B 369 5.37 6.74 26.82
N GLY B 370 4.35 7.28 26.17
CA GLY B 370 3.10 7.58 26.82
C GLY B 370 3.03 8.95 27.45
N GLU B 371 4.12 9.70 27.60
CA GLU B 371 4.08 11.06 28.14
C GLU B 371 4.33 12.07 27.04
N PRO B 372 3.77 13.24 27.20
CA PRO B 372 3.90 14.21 26.11
C PRO B 372 5.24 14.89 26.12
N GLY B 373 5.76 15.19 24.94
CA GLY B 373 6.88 16.05 24.80
C GLY B 373 6.72 17.00 23.64
N ASP B 374 7.60 18.00 23.57
CA ASP B 374 7.61 18.99 22.49
C ASP B 374 8.22 18.35 21.27
N LEU B 375 7.56 18.48 20.11
CA LEU B 375 8.04 17.85 18.90
C LEU B 375 9.08 18.70 18.14
N TYR B 376 10.19 18.04 17.81
CA TYR B 376 11.22 18.56 16.97
C TYR B 376 11.46 17.60 15.78
N ILE B 377 11.79 18.16 14.60
CA ILE B 377 12.04 17.40 13.40
C ILE B 377 13.37 17.75 12.77
N HIS B 378 14.06 16.70 12.33
CA HIS B 378 15.29 16.84 11.55
C HIS B 378 15.08 16.20 10.22
N GLY B 379 14.96 16.99 9.17
CA GLY B 379 14.81 16.41 7.87
C GLY B 379 15.20 17.33 6.76
N PRO B 380 15.21 16.83 5.54
CA PRO B 380 15.89 17.58 4.50
C PRO B 380 15.07 18.67 3.78
N SER B 381 13.81 18.84 4.17
CA SER B 381 12.91 19.81 3.55
C SER B 381 12.70 21.03 4.49
N SER B 382 13.50 21.16 5.56
CA SER B 382 13.29 22.28 6.48
C SER B 382 13.61 23.65 5.78
N ALA B 383 12.74 24.64 6.04
CA ALA B 383 13.04 26.03 5.67
C ALA B 383 14.36 26.42 6.38
N THR B 384 14.98 27.44 5.80
CA THR B 384 16.26 27.96 6.27
C THR B 384 16.17 29.00 7.39
N MET B 385 15.04 29.71 7.41
CA MET B 385 14.87 30.87 8.29
C MET B 385 13.47 31.45 8.10
N TYR B 386 13.13 32.37 8.99
CA TYR B 386 12.12 33.36 8.78
C TYR B 386 12.77 34.67 8.31
N TRP B 387 12.43 35.11 7.12
CA TRP B 387 13.09 36.27 6.52
C TRP B 387 12.94 37.49 7.40
N GLY B 388 14.09 38.09 7.74
CA GLY B 388 14.15 39.30 8.52
C GLY B 388 13.73 39.17 9.99
N ASN B 389 13.63 37.96 10.50
CA ASN B 389 13.29 37.79 11.93
C ASN B 389 14.30 36.84 12.53
N ARG B 390 15.39 37.41 13.07
CA ARG B 390 16.49 36.58 13.54
C ARG B 390 16.13 35.87 14.83
N ALA B 391 15.36 36.54 15.67
CA ALA B 391 14.99 36.05 16.99
C ALA B 391 14.11 34.81 16.91
N LYS B 392 13.05 34.90 16.08
CA LYS B 392 12.19 33.78 15.91
C LYS B 392 12.85 32.69 15.10
N SER B 393 13.74 33.04 14.17
CA SER B 393 14.49 32.03 13.41
C SER B 393 15.34 31.16 14.35
N ARG B 394 16.02 31.84 15.30
CA ARG B 394 16.98 31.14 16.16
C ARG B 394 16.18 30.30 17.18
N ASP B 395 14.98 30.72 17.52
CA ASP B 395 14.08 29.94 18.37
C ASP B 395 13.45 28.72 17.70
N THR B 396 13.30 28.78 16.37
CA THR B 396 12.64 27.67 15.64
C THR B 396 13.60 26.72 14.98
N PHE B 397 14.63 27.27 14.33
CA PHE B 397 15.58 26.46 13.59
C PHE B 397 16.88 26.39 14.40
N GLN B 398 17.01 25.31 15.17
CA GLN B 398 18.07 25.15 16.19
C GLN B 398 19.03 24.09 15.68
N GLY B 399 20.08 24.47 15.00
CA GLY B 399 21.06 23.50 14.52
C GLY B 399 20.54 22.21 13.89
N GLY B 400 19.73 22.34 12.85
CA GLY B 400 19.28 21.18 12.09
C GLY B 400 17.96 20.59 12.60
N TRP B 401 17.55 20.95 13.81
CA TRP B 401 16.30 20.55 14.38
C TRP B 401 15.32 21.72 14.21
N THR B 402 14.12 21.40 13.78
CA THR B 402 13.05 22.41 13.64
C THR B 402 12.01 22.18 14.73
N LYS B 403 11.70 23.18 15.51
CA LYS B 403 10.70 23.12 16.57
C LYS B 403 9.33 23.33 16.00
N SER B 404 8.40 22.37 16.17
CA SER B 404 7.07 22.47 15.56
C SER B 404 6.09 23.32 16.38
N GLY B 405 6.31 23.45 17.68
CA GLY B 405 5.25 24.05 18.54
C GLY B 405 4.17 23.07 19.00
N ASP B 406 4.22 21.85 18.46
CA ASP B 406 3.31 20.78 18.86
C ASP B 406 3.87 19.93 20.02
N LYS B 407 2.94 19.31 20.75
CA LYS B 407 3.28 18.25 21.68
C LYS B 407 2.63 16.97 21.17
N TYR B 408 3.37 15.86 21.33
CA TYR B 408 2.98 14.55 20.95
C TYR B 408 3.41 13.54 22.03
N VAL B 409 2.75 12.39 21.98
CA VAL B 409 3.08 11.18 22.76
C VAL B 409 3.47 10.06 21.80
N ARG B 410 4.57 9.37 22.09
CA ARG B 410 4.91 8.16 21.38
C ARG B 410 4.32 6.94 22.09
N ASN B 411 3.57 6.16 21.33
CA ASN B 411 2.90 4.96 21.81
C ASN B 411 3.80 3.74 21.68
N ASP B 412 3.35 2.63 22.26
CA ASP B 412 4.22 1.47 22.38
C ASP B 412 4.63 0.87 21.05
N ASP B 413 3.78 1.03 20.03
CA ASP B 413 4.04 0.53 18.66
C ASP B 413 4.85 1.50 17.77
N GLY B 414 5.39 2.55 18.36
CA GLY B 414 6.16 3.56 17.67
C GLY B 414 5.32 4.63 16.95
N SER B 415 3.98 4.54 17.02
CA SER B 415 3.08 5.59 16.49
C SER B 415 3.07 6.80 17.44
N TYR B 416 2.57 7.93 16.93
CA TYR B 416 2.60 9.21 17.65
C TYR B 416 1.19 9.77 17.71
N THR B 417 0.80 10.26 18.86
CA THR B 417 -0.54 10.81 19.11
C THR B 417 -0.45 12.23 19.57
N TYR B 418 -1.28 13.09 18.95
CA TYR B 418 -1.22 14.50 19.20
C TYR B 418 -1.64 14.85 20.61
N ALA B 419 -0.87 15.77 21.21
CA ALA B 419 -1.13 16.16 22.62
C ALA B 419 -1.24 17.67 22.79
N GLY B 420 -1.49 18.42 21.71
CA GLY B 420 -1.70 19.86 21.88
C GLY B 420 -0.53 20.74 21.48
N ARG B 421 -0.60 22.00 21.83
CA ARG B 421 0.33 23.02 21.37
C ARG B 421 1.12 23.59 22.52
N THR B 422 2.23 24.16 22.12
CA THR B 422 3.18 24.83 22.96
C THR B 422 2.87 26.35 23.13
N ASP B 423 1.88 26.94 22.43
CA ASP B 423 1.74 28.44 22.33
C ASP B 423 0.33 29.05 22.20
N ASP B 424 -0.64 28.21 22.43
CA ASP B 424 -2.03 28.59 22.41
C ASP B 424 -2.58 28.80 21.00
N MET B 425 -1.81 28.53 19.95
CA MET B 425 -2.41 28.53 18.59
C MET B 425 -3.53 27.53 18.46
N LEU B 426 -4.52 27.88 17.64
CA LEU B 426 -5.60 26.98 17.22
C LEU B 426 -5.33 26.53 15.82
N LYS B 427 -5.62 25.26 15.54
CA LYS B 427 -5.48 24.79 14.16
C LYS B 427 -6.85 24.45 13.65
N VAL B 428 -7.42 25.40 12.92
CA VAL B 428 -8.80 25.35 12.54
C VAL B 428 -8.94 24.92 11.07
N SER B 429 -9.45 23.71 10.81
CA SER B 429 -9.58 23.22 9.44
C SER B 429 -8.31 23.42 8.55
N GLY B 430 -7.13 23.18 9.11
CA GLY B 430 -5.89 23.35 8.39
C GLY B 430 -5.15 24.64 8.52
N ILE B 431 -5.79 25.64 9.14
CA ILE B 431 -5.26 26.98 9.22
C ILE B 431 -4.94 27.31 10.65
N TYR B 432 -3.68 27.64 10.90
CA TYR B 432 -3.28 28.12 12.22
C TYR B 432 -3.85 29.51 12.43
N VAL B 433 -4.55 29.68 13.55
CA VAL B 433 -5.28 30.90 13.93
C VAL B 433 -4.86 31.24 15.36
N SER B 434 -4.59 32.51 15.59
CA SER B 434 -4.31 33.00 16.91
C SER B 434 -5.56 33.38 17.65
N PRO B 435 -5.79 32.80 18.84
CA PRO B 435 -6.94 33.28 19.62
C PRO B 435 -6.75 34.73 20.12
N PHE B 436 -5.52 35.16 20.28
CA PHE B 436 -5.26 36.51 20.75
C PHE B 436 -5.63 37.56 19.72
N GLU B 437 -5.51 37.23 18.45
CA GLU B 437 -5.98 38.09 17.36
C GLU B 437 -7.49 38.26 17.40
N ILE B 438 -8.18 37.16 17.61
CA ILE B 438 -9.64 37.17 17.66
C ILE B 438 -10.10 37.98 18.84
N GLU B 439 -9.51 37.74 20.01
CA GLU B 439 -9.87 38.47 21.21
C GLU B 439 -9.71 39.99 21.09
N ALA B 440 -8.53 40.37 20.58
CA ALA B 440 -8.15 41.79 20.59
C ALA B 440 -9.08 42.53 19.64
N THR B 441 -9.54 41.81 18.63
CA THR B 441 -10.59 42.27 17.75
C THR B 441 -12.02 42.38 18.33
N LEU B 442 -12.47 41.38 19.10
CA LEU B 442 -13.75 41.48 19.79
C LEU B 442 -13.86 42.61 20.75
N VAL B 443 -12.78 42.86 21.48
CA VAL B 443 -12.80 43.89 22.49
C VAL B 443 -12.97 45.29 21.87
N GLN B 444 -12.83 45.41 20.56
CA GLN B 444 -13.02 46.75 20.01
C GLN B 444 -14.49 47.05 19.86
N HIS B 445 -15.33 46.01 19.94
CA HIS B 445 -16.76 46.18 19.93
C HIS B 445 -17.19 47.01 21.13
N PRO B 446 -17.93 48.12 20.88
CA PRO B 446 -18.18 49.05 21.98
C PRO B 446 -19.01 48.49 23.13
N GLY B 447 -19.78 47.43 22.87
CA GLY B 447 -20.52 46.69 23.91
C GLY B 447 -19.71 45.67 24.71
N VAL B 448 -18.49 45.35 24.25
CA VAL B 448 -17.67 44.32 24.92
C VAL B 448 -16.75 44.94 26.00
N LEU B 449 -16.76 44.43 27.21
CA LEU B 449 -15.79 44.87 28.22
C LEU B 449 -14.46 44.08 28.21
N GLU B 450 -14.59 42.77 28.04
CA GLU B 450 -13.44 41.84 28.03
C GLU B 450 -13.82 40.63 27.23
N ALA B 451 -12.83 39.96 26.69
CA ALA B 451 -13.10 38.77 25.86
C ALA B 451 -11.92 37.84 25.91
N ALA B 452 -12.20 36.54 25.88
CA ALA B 452 -11.15 35.56 25.83
C ALA B 452 -11.61 34.52 24.81
N VAL B 453 -10.70 34.02 24.01
CA VAL B 453 -10.98 33.04 22.99
C VAL B 453 -10.09 31.84 23.23
N VAL B 454 -10.73 30.68 23.15
CA VAL B 454 -10.06 29.40 23.34
C VAL B 454 -10.57 28.41 22.29
N GLY B 455 -9.87 27.31 22.13
CA GLY B 455 -10.26 26.26 21.21
C GLY B 455 -11.15 25.26 21.86
N VAL B 456 -12.32 24.96 21.25
CA VAL B 456 -13.25 23.99 21.81
C VAL B 456 -13.64 23.03 20.72
N ALA B 457 -13.66 21.73 21.05
CA ALA B 457 -14.19 20.72 20.11
C ALA B 457 -15.65 20.88 19.78
N ASP B 458 -15.97 20.79 18.48
CA ASP B 458 -17.37 20.75 18.00
C ASP B 458 -17.89 19.32 18.13
N GLU B 459 -19.06 19.09 17.54
CA GLU B 459 -19.78 17.81 17.67
C GLU B 459 -19.08 16.66 16.96
N HIS B 460 -18.05 16.97 16.15
CA HIS B 460 -17.22 15.97 15.49
C HIS B 460 -15.86 15.81 16.13
N GLY B 461 -15.56 16.61 17.15
CA GLY B 461 -14.32 16.50 17.85
C GLY B 461 -13.26 17.40 17.28
N LEU B 462 -13.68 18.36 16.44
CA LEU B 462 -12.74 19.25 15.71
C LEU B 462 -12.74 20.63 16.37
N THR B 463 -11.54 21.14 16.64
CA THR B 463 -11.33 22.40 17.36
C THR B 463 -11.76 23.61 16.55
N LYS B 464 -12.59 24.44 17.19
CA LYS B 464 -13.02 25.72 16.64
C LYS B 464 -12.85 26.83 17.68
N PRO B 465 -12.68 28.08 17.24
CA PRO B 465 -12.57 29.11 18.24
C PRO B 465 -13.93 29.28 18.98
N LYS B 466 -13.85 29.56 20.27
CA LYS B 466 -15.06 29.80 21.08
C LYS B 466 -14.74 31.02 21.95
N ALA B 467 -15.62 32.01 21.94
CA ALA B 467 -15.36 33.25 22.64
C ALA B 467 -16.16 33.32 23.97
N TYR B 468 -15.50 33.76 25.00
CA TYR B 468 -16.12 34.09 26.30
C TYR B 468 -16.07 35.61 26.47
N VAL B 469 -17.24 36.27 26.55
CA VAL B 469 -17.34 37.74 26.52
C VAL B 469 -18.04 38.27 27.75
N VAL B 470 -17.41 39.25 28.40
CA VAL B 470 -18.07 40.07 29.45
C VAL B 470 -18.65 41.30 28.77
N PRO B 471 -19.99 41.41 28.76
CA PRO B 471 -20.54 42.63 28.19
C PRO B 471 -20.35 43.84 29.08
N ARG B 472 -20.35 45.02 28.47
CA ARG B 472 -20.30 46.24 29.28
C ARG B 472 -21.70 46.40 29.93
N PRO B 473 -21.72 46.71 31.22
CA PRO B 473 -22.93 46.96 32.00
C PRO B 473 -23.82 47.91 31.25
N GLY B 474 -25.06 47.49 30.98
CA GLY B 474 -25.99 48.31 30.20
C GLY B 474 -25.73 48.19 28.71
N GLN B 475 -25.64 46.94 28.25
CA GLN B 475 -25.48 46.58 26.85
C GLN B 475 -25.88 45.14 26.71
N THR B 476 -26.60 44.82 25.65
CA THR B 476 -26.90 43.43 25.38
C THR B 476 -26.45 43.11 23.96
N LEU B 477 -25.78 41.98 23.81
CA LEU B 477 -25.06 41.65 22.60
C LEU B 477 -25.66 40.38 22.01
N SER B 478 -25.49 40.13 20.72
CA SER B 478 -25.83 38.82 20.15
C SER B 478 -24.58 38.08 19.61
N GLU B 479 -24.57 36.74 19.72
CA GLU B 479 -23.59 35.87 19.01
C GLU B 479 -23.29 36.27 17.55
N THR B 480 -24.31 36.39 16.71
CA THR B 480 -24.11 36.58 15.25
C THR B 480 -23.52 37.99 14.96
N GLU B 481 -24.01 38.99 15.68
CA GLU B 481 -23.42 40.32 15.63
C GLU B 481 -21.88 40.23 15.71
N LEU B 482 -21.42 39.60 16.77
CA LEU B 482 -19.99 39.42 16.94
C LEU B 482 -19.30 38.48 15.91
N LYS B 483 -20.00 37.49 15.34
CA LYS B 483 -19.41 36.72 14.21
C LYS B 483 -19.11 37.69 13.07
N THR B 484 -20.09 38.56 12.78
CA THR B 484 -20.00 39.53 11.71
C THR B 484 -18.89 40.51 11.95
N PHE B 485 -18.83 40.99 13.18
CA PHE B 485 -17.88 41.99 13.55
C PHE B 485 -16.43 41.48 13.21
N ILE B 486 -16.18 40.19 13.51
CA ILE B 486 -14.88 39.56 13.15
C ILE B 486 -14.74 39.36 11.64
N LYS B 487 -15.80 38.87 10.95
CA LYS B 487 -15.71 38.64 9.50
C LYS B 487 -15.48 39.96 8.77
N ASP B 488 -15.93 41.04 9.37
CA ASP B 488 -15.72 42.32 8.74
C ASP B 488 -14.30 42.84 8.98
N ARG B 489 -13.53 42.27 9.91
CA ARG B 489 -12.25 42.90 10.24
C ARG B 489 -11.05 42.01 10.03
N LEU B 490 -11.28 40.70 10.17
CA LEU B 490 -10.21 39.70 10.04
C LEU B 490 -10.51 38.76 8.88
N ALA B 491 -9.56 37.90 8.53
CA ALA B 491 -9.86 36.85 7.55
C ALA B 491 -11.12 36.08 8.09
N PRO B 492 -12.05 35.72 7.20
CA PRO B 492 -13.40 35.35 7.72
C PRO B 492 -13.47 34.08 8.56
N TYR B 493 -12.59 33.13 8.29
CA TYR B 493 -12.62 31.81 8.99
C TYR B 493 -12.07 31.87 10.47
N LYS B 494 -11.72 33.07 10.91
CA LYS B 494 -11.24 33.31 12.26
C LYS B 494 -12.46 33.56 13.21
N TYR B 495 -13.70 33.35 12.74
CA TYR B 495 -14.86 33.81 13.52
C TYR B 495 -15.12 32.78 14.65
N PRO B 496 -15.49 33.24 15.85
CA PRO B 496 -15.86 32.28 16.89
C PRO B 496 -17.13 31.57 16.54
N ARG B 497 -17.12 30.25 16.66
CA ARG B 497 -18.27 29.44 16.37
C ARG B 497 -19.42 29.52 17.38
N SER B 498 -19.10 29.93 18.59
CA SER B 498 -20.14 30.41 19.51
C SER B 498 -19.51 31.39 20.45
N THR B 499 -20.34 32.20 21.10
CA THR B 499 -19.92 33.13 22.13
C THR B 499 -20.78 32.84 23.33
N VAL B 500 -20.11 32.67 24.45
CA VAL B 500 -20.75 32.60 25.76
C VAL B 500 -20.57 33.96 26.47
N PHE B 501 -21.70 34.54 26.90
CA PHE B 501 -21.68 35.77 27.64
C PHE B 501 -21.67 35.50 29.11
N VAL B 502 -20.62 35.96 29.77
CA VAL B 502 -20.39 35.76 31.20
C VAL B 502 -20.22 37.09 31.96
N ALA B 503 -20.36 37.02 33.28
CA ALA B 503 -20.26 38.21 34.12
C ALA B 503 -18.83 38.50 34.44
N GLU B 504 -17.99 37.47 34.51
CA GLU B 504 -16.55 37.63 34.62
C GLU B 504 -15.75 36.43 34.14
N LEU B 505 -14.51 36.70 33.80
CA LEU B 505 -13.57 35.71 33.33
C LEU B 505 -12.81 35.27 34.52
N PRO B 506 -12.48 33.99 34.57
CA PRO B 506 -11.64 33.47 35.67
C PRO B 506 -10.21 34.00 35.49
N LYS B 507 -9.61 34.53 36.55
CA LYS B 507 -8.28 35.13 36.44
C LYS B 507 -7.39 34.77 37.56
N THR B 508 -6.08 34.79 37.32
CA THR B 508 -5.13 34.60 38.40
C THR B 508 -5.09 35.88 39.25
N ALA B 509 -4.36 35.83 40.37
CA ALA B 509 -4.09 37.01 41.22
C ALA B 509 -3.37 38.13 40.47
N THR B 510 -2.63 37.76 39.44
CA THR B 510 -1.96 38.70 38.53
C THR B 510 -2.92 39.45 37.52
N GLY B 511 -4.16 38.99 37.40
CA GLY B 511 -5.11 39.48 36.38
C GLY B 511 -5.01 38.71 35.06
N LYS B 512 -4.20 37.66 35.02
CA LYS B 512 -4.05 36.79 33.82
C LYS B 512 -5.27 35.92 33.64
N ILE B 513 -5.77 35.83 32.43
CA ILE B 513 -6.90 34.96 32.19
C ILE B 513 -6.56 33.48 32.29
N GLN B 514 -7.42 32.76 33.01
CA GLN B 514 -7.22 31.32 33.19
C GLN B 514 -7.84 30.59 32.01
N ARG B 515 -7.14 30.67 30.88
CA ARG B 515 -7.69 30.11 29.64
C ARG B 515 -8.00 28.62 29.76
N PHE B 516 -7.13 27.89 30.42
CA PHE B 516 -7.36 26.46 30.65
C PHE B 516 -8.77 26.17 31.23
N LYS B 517 -9.26 27.01 32.13
CA LYS B 517 -10.60 26.81 32.70
C LYS B 517 -11.69 26.93 31.69
N LEU B 518 -11.51 27.90 30.77
CA LEU B 518 -12.49 28.13 29.73
C LEU B 518 -12.55 26.92 28.82
N ARG B 519 -11.40 26.43 28.46
CA ARG B 519 -11.24 25.33 27.52
C ARG B 519 -11.80 24.06 28.19
N GLU B 520 -11.53 23.91 29.47
CA GLU B 520 -12.07 22.74 30.26
C GLU B 520 -13.58 22.81 30.52
N GLY B 521 -14.25 23.91 30.15
CA GLY B 521 -15.73 24.01 30.13
C GLY B 521 -16.38 24.46 31.46
N VAL B 522 -15.60 25.00 32.36
CA VAL B 522 -16.10 25.51 33.67
C VAL B 522 -17.23 26.53 33.57
N LEU B 523 -17.26 27.39 32.55
CA LEU B 523 -18.33 28.39 32.32
C LEU B 523 -19.28 28.00 31.21
N GLY B 524 -19.23 26.73 30.82
CA GLY B 524 -19.97 26.31 29.70
C GLY B 524 -19.17 26.65 28.42
O8 C21 C . 1.36 -19.13 -8.78
C6 C21 C . 1.68 -20.21 -8.20
O7 C21 C . 1.37 -21.35 -8.63
C4 C21 C . 2.55 -19.97 -6.98
S5 C21 C . 3.65 -21.22 -6.51
C3 C21 C . 2.69 -18.87 -6.20
C2 C21 C . 3.63 -19.05 -5.19
C1 C21 C . 4.29 -20.26 -5.25
O8 C21 D . -6.68 -22.15 -3.13
O8 C21 D . -5.63 -24.65 -3.20
C6 C21 D . -5.99 -23.19 -3.19
C6 C21 D . -5.31 -23.41 -3.29
O7 C21 D . -6.35 -24.26 -2.61
O7 C21 D . -5.94 -22.41 -2.83
C4 C21 D . -4.68 -23.13 -3.91
C4 C21 D . -4.01 -23.12 -3.99
S5 C21 D . -3.73 -24.59 -3.87
S5 C21 D . -3.88 -21.50 -4.55
C3 C21 D . -3.97 -22.12 -4.60
C3 C21 D . -2.87 -23.91 -4.27
C2 C21 D . -2.73 -22.56 -5.10
C2 C21 D . -1.91 -23.19 -4.96
C1 C21 D . -2.44 -23.89 -4.77
C1 C21 D . -2.31 -21.88 -5.23
C1 GOL E . -4.55 -12.61 -17.57
O1 GOL E . -5.70 -13.42 -17.43
C2 GOL E . -3.72 -12.43 -16.29
O2 GOL E . -2.36 -12.26 -16.56
C3 GOL E . -4.25 -12.45 -14.84
O3 GOL E . -3.24 -12.92 -13.91
O8 C21 F . -0.76 21.25 8.58
C6 C21 F . -0.36 20.13 8.11
O7 C21 F . -0.53 19.02 8.64
C4 C21 F . 0.53 20.02 6.85
S5 C21 F . 1.39 21.41 6.33
C3 C21 F . 0.77 18.96 6.03
C2 C21 F . 1.69 19.28 5.03
C1 C21 F . 2.13 20.59 5.05
O8 C21 G . -9.06 23.19 3.23
O8 C21 G . -8.93 21.22 3.60
C6 C21 G . -8.37 22.14 3.50
C6 C21 G . -8.23 22.26 3.78
O7 C21 G . -8.83 21.01 3.32
O7 C21 G . -8.61 23.41 3.44
C4 C21 G . -6.99 22.28 4.06
C4 C21 G . -6.89 22.14 4.41
S5 C21 G . -6.21 20.92 4.81
S5 C21 G . -6.03 23.65 4.46
C3 C21 G . -6.11 23.37 4.09
C3 C21 G . -6.12 21.12 4.96
C2 C21 G . -4.84 23.09 4.69
C2 C21 G . -4.86 21.55 5.41
C1 C21 G . -4.75 21.79 5.14
C1 C21 G . -4.65 22.91 5.19
C1 GOL H . -0.75 37.03 15.20
O1 GOL H . -0.62 38.45 15.15
C2 GOL H . -1.23 36.57 13.82
O2 GOL H . -1.54 35.16 13.92
C3 GOL H . -0.17 36.77 12.73
O3 GOL H . 1.08 36.13 13.08
C1 GOL I . -11.66 30.33 -2.68
O1 GOL I . -12.64 31.25 -3.16
C2 GOL I . -11.07 30.92 -1.40
O2 GOL I . -10.24 32.12 -1.58
C3 GOL I . -10.34 29.79 -0.69
O3 GOL I . -11.29 28.70 -0.44
C1 GOL J . -2.42 35.77 8.17
O1 GOL J . -1.18 35.04 8.05
C2 GOL J . -2.50 36.64 9.41
O2 GOL J . -3.12 36.07 10.58
C3 GOL J . -1.97 38.08 9.53
O3 GOL J . -1.47 38.54 8.24
C1 GOL K . 10.71 9.27 21.13
O1 GOL K . 10.51 9.90 22.40
C2 GOL K . 11.37 10.14 20.07
O2 GOL K . 11.89 9.47 18.92
C3 GOL K . 12.69 10.58 20.59
O3 GOL K . 12.34 11.54 21.51
C1 GOL L . -7.14 36.19 -18.10
O1 GOL L . -5.99 36.43 -17.46
C2 GOL L . -7.09 34.91 -18.82
O2 GOL L . -8.53 34.87 -19.06
C3 GOL L . -6.47 33.76 -17.99
O3 GOL L . -5.06 33.96 -17.74
C1 GOL M . 19.22 19.89 -14.60
O1 GOL M . 18.28 19.86 -15.72
C2 GOL M . 18.40 19.75 -13.34
O2 GOL M . 19.05 18.94 -12.38
C3 GOL M . 17.27 20.61 -12.89
O3 GOL M . 18.07 21.73 -12.47
#